data_4E8G
#
_entry.id   4E8G
#
_cell.length_a   117.963
_cell.length_b   117.963
_cell.length_c   111.154
_cell.angle_alpha   90.00
_cell.angle_beta   90.00
_cell.angle_gamma   90.00
#
_symmetry.space_group_name_H-M   'P 4 21 2'
#
loop_
_entity.id
_entity.type
_entity.pdbx_description
1 polymer 'Mandelate racemase/muconate lactonizing enzyme, N-terminal domain protein'
2 non-polymer 'MAGNESIUM ION'
3 non-polymer 'UNKNOWN LIGAND'
4 water water
#
_entity_poly.entity_id   1
_entity_poly.type   'polypeptide(L)'
_entity_poly.pdbx_seq_one_letter_code
;(MSE)HHHHHHSSGVDLGTENLYFQS(MSE)KIAEIHVYAHDLPVKDGPYTIASSTVWSLQTTLVKIVADSGLAGWGETC
PVGPTYAPSHALGARAALAE(MSE)APGLIGANPLQPLVLRRR(MSE)DGLLCGHNYAKAAIDIAAYDL(MSE)GKHYGV
RVADLLGGVAAERVPSYYATGIGQPDEIARIAAEKVAEGFPRLQIKIGGRPVEIDIETVRKVWERIRGTGTRLAVDGNRS
LPSRDALRLSRECPEIPFVLEQPCNTLEEIAAIRGRVQHGIYLDESGEDLSTVIRAAGQGLCDGFG(MSE)KLTRIGGLQ
Q(MSE)AAFRDICEARALPHSCDDAWGGDIIAAACTHIGATVQPRLNEGVWVAQPYIAQPYDEENGIRIAGGHIDLPKGP
GLGITPDESLFGPPVASFS
;
_entity_poly.pdbx_strand_id   A,B
#
loop_
_chem_comp.id
_chem_comp.type
_chem_comp.name
_chem_comp.formula
MG non-polymer 'MAGNESIUM ION' 'Mg 2'
UNL non-polymer 'UNKNOWN LIGAND' ?
#
# COMPACT_ATOMS: atom_id res chain seq x y z
N MSE A 23 -21.58 -5.80 10.91
CA MSE A 23 -21.57 -4.59 11.73
C MSE A 23 -21.85 -3.34 10.88
O MSE A 23 -21.44 -3.29 9.71
CB MSE A 23 -20.23 -4.46 12.46
CG MSE A 23 -20.19 -3.35 13.50
SE MSE A 23 -18.57 -3.24 14.30
CE MSE A 23 -18.88 -4.08 15.87
N LYS A 24 -22.55 -2.37 11.45
CA LYS A 24 -22.87 -1.15 10.71
C LYS A 24 -22.76 0.09 11.57
N ILE A 25 -22.45 1.23 10.95
CA ILE A 25 -22.47 2.50 11.65
C ILE A 25 -23.92 2.89 11.93
N ALA A 26 -24.25 3.10 13.20
CA ALA A 26 -25.61 3.53 13.54
C ALA A 26 -25.68 5.03 13.86
N GLU A 27 -24.63 5.58 14.43
CA GLU A 27 -24.62 6.99 14.83
C GLU A 27 -23.26 7.62 14.54
N ILE A 28 -23.26 8.90 14.18
CA ILE A 28 -22.02 9.66 14.13
C ILE A 28 -22.20 10.95 14.91
N HIS A 29 -21.31 11.21 15.87
CA HIS A 29 -21.42 12.43 16.68
C HIS A 29 -20.18 13.31 16.50
N VAL A 30 -20.41 14.61 16.28
CA VAL A 30 -19.33 15.57 16.08
C VAL A 30 -19.21 16.51 17.29
N TYR A 31 -17.99 16.68 17.80
CA TYR A 31 -17.77 17.55 18.97
C TYR A 31 -16.81 18.70 18.66
N ALA A 32 -17.00 19.83 19.34
CA ALA A 32 -16.07 20.95 19.29
C ALA A 32 -15.43 21.13 20.66
N HIS A 33 -14.11 21.32 20.69
CA HIS A 33 -13.39 21.39 21.95
C HIS A 33 -12.20 22.34 21.80
N ASP A 34 -11.99 23.22 22.79
CA ASP A 34 -10.85 24.14 22.75
C ASP A 34 -9.61 23.56 23.41
N LEU A 35 -8.43 23.90 22.89
CA LEU A 35 -7.17 23.46 23.46
C LEU A 35 -6.28 24.66 23.74
N SER A 51 -5.91 29.64 21.85
CA SER A 51 -6.23 28.21 21.81
C SER A 51 -6.39 27.71 20.38
N LEU A 52 -6.46 26.39 20.21
CA LEU A 52 -6.81 25.81 18.92
C LEU A 52 -8.13 25.06 19.06
N GLN A 53 -8.96 25.13 18.03
CA GLN A 53 -10.27 24.49 18.04
C GLN A 53 -10.15 23.10 17.43
N THR A 54 -10.23 22.06 18.27
CA THR A 54 -10.19 20.70 17.74
C THR A 54 -11.60 20.17 17.51
N THR A 55 -11.69 19.18 16.63
CA THR A 55 -12.98 18.58 16.28
C THR A 55 -12.87 17.07 16.49
N LEU A 56 -13.73 16.54 17.35
CA LEU A 56 -13.74 15.10 17.61
C LEU A 56 -14.94 14.42 16.97
N VAL A 57 -14.73 13.18 16.52
CA VAL A 57 -15.80 12.39 15.94
C VAL A 57 -15.96 11.06 16.70
N LYS A 58 -17.20 10.75 17.06
CA LYS A 58 -17.49 9.46 17.68
C LYS A 58 -18.39 8.66 16.75
N ILE A 59 -17.92 7.50 16.31
CA ILE A 59 -18.74 6.59 15.51
C ILE A 59 -19.27 5.49 16.43
N VAL A 60 -20.59 5.27 16.42
CA VAL A 60 -21.22 4.23 17.23
C VAL A 60 -21.81 3.16 16.32
N ALA A 61 -21.40 1.91 16.52
CA ALA A 61 -21.95 0.80 15.74
C ALA A 61 -23.30 0.38 16.29
N ASP A 62 -23.98 -0.50 15.55
CA ASP A 62 -25.25 -1.09 16.01
C ASP A 62 -25.13 -1.72 17.39
N SER A 63 -23.99 -2.36 17.66
CA SER A 63 -23.79 -3.06 18.92
C SER A 63 -23.61 -2.08 20.08
N GLY A 64 -23.37 -0.81 19.76
CA GLY A 64 -23.07 0.17 20.78
C GLY A 64 -21.57 0.39 20.91
N LEU A 65 -20.79 -0.45 20.24
CA LEU A 65 -19.34 -0.29 20.21
C LEU A 65 -18.96 1.03 19.53
N ALA A 66 -18.05 1.78 20.13
CA ALA A 66 -17.71 3.12 19.65
C ALA A 66 -16.23 3.30 19.26
N GLY A 67 -15.99 4.15 18.26
CA GLY A 67 -14.64 4.50 17.86
C GLY A 67 -14.49 6.01 17.80
N TRP A 68 -13.27 6.50 18.03
CA TRP A 68 -13.03 7.94 18.09
C TRP A 68 -12.00 8.41 17.06
N GLY A 69 -12.25 9.56 16.46
CA GLY A 69 -11.31 10.22 15.57
C GLY A 69 -11.19 11.70 15.92
N GLU A 70 -10.19 12.36 15.34
CA GLU A 70 -9.94 13.76 15.67
C GLU A 70 -9.25 14.46 14.49
N THR A 71 -9.57 15.74 14.31
CA THR A 71 -8.85 16.57 13.35
C THR A 71 -8.77 18.01 13.84
N CYS A 72 -7.58 18.60 13.71
CA CYS A 72 -7.32 19.90 14.32
C CYS A 72 -6.29 20.70 13.54
N PRO A 73 -6.75 21.46 12.53
CA PRO A 73 -5.89 22.35 11.75
C PRO A 73 -5.09 23.31 12.64
N VAL A 74 -3.80 23.49 12.34
CA VAL A 74 -2.95 24.36 13.15
C VAL A 74 -3.13 25.83 12.72
N GLY A 75 -4.34 26.33 12.92
CA GLY A 75 -4.69 27.66 12.44
C GLY A 75 -5.15 27.55 10.99
N PRO A 76 -6.01 28.48 10.54
CA PRO A 76 -6.60 28.35 9.21
C PRO A 76 -5.66 28.76 8.06
N THR A 77 -4.42 29.16 8.38
CA THR A 77 -3.48 29.64 7.37
C THR A 77 -2.28 28.72 7.04
N TYR A 78 -2.09 27.66 7.82
CA TYR A 78 -0.99 26.72 7.57
C TYR A 78 -1.30 25.87 6.34
N ALA A 79 -2.55 25.43 6.25
CA ALA A 79 -2.97 24.49 5.23
C ALA A 79 -4.38 24.86 4.77
N PRO A 80 -4.78 24.40 3.57
CA PRO A 80 -6.17 24.64 3.13
C PRO A 80 -7.16 23.83 3.96
N SER A 81 -7.26 24.20 5.24
CA SER A 81 -8.10 23.51 6.22
C SER A 81 -8.32 24.42 7.43
N HIS A 82 -9.48 24.24 8.10
CA HIS A 82 -9.85 25.04 9.28
C HIS A 82 -10.97 24.37 10.10
N ALA A 83 -11.14 24.78 11.36
CA ALA A 83 -12.08 24.08 12.27
C ALA A 83 -13.53 24.12 11.81
N LEU A 84 -14.01 25.30 11.41
CA LEU A 84 -15.36 25.42 10.89
C LEU A 84 -15.52 24.57 9.63
N GLY A 85 -14.47 24.51 8.81
CA GLY A 85 -14.46 23.69 7.61
C GLY A 85 -14.55 22.21 7.92
N ALA A 86 -13.85 21.79 8.97
CA ALA A 86 -13.88 20.41 9.43
C ALA A 86 -15.30 19.97 9.76
N ARG A 87 -15.99 20.76 10.57
CA ARG A 87 -17.36 20.42 10.97
C ARG A 87 -18.34 20.49 9.81
N ALA A 88 -18.13 21.44 8.90
CA ALA A 88 -18.99 21.52 7.72
C ALA A 88 -18.83 20.27 6.84
N ALA A 89 -17.59 19.86 6.63
CA ALA A 89 -17.31 18.72 5.78
C ALA A 89 -17.90 17.45 6.39
N LEU A 90 -17.74 17.30 7.70
CA LEU A 90 -18.28 16.13 8.41
C LEU A 90 -19.80 16.12 8.33
N ALA A 91 -20.41 17.30 8.45
CA ALA A 91 -21.86 17.42 8.37
C ALA A 91 -22.33 17.04 6.98
N GLU A 92 -21.56 17.38 5.96
CA GLU A 92 -21.87 17.00 4.59
C GLU A 92 -21.84 15.48 4.38
N MSE A 93 -20.84 14.81 4.95
CA MSE A 93 -20.66 13.37 4.72
C MSE A 93 -21.47 12.45 5.64
O MSE A 93 -21.89 11.39 5.22
CB MSE A 93 -19.18 12.96 4.80
CG MSE A 93 -18.33 13.66 3.76
SE MSE A 93 -16.49 13.00 3.83
CE MSE A 93 -15.94 13.74 5.58
N ALA A 94 -21.65 12.86 6.90
CA ALA A 94 -22.21 11.95 7.92
C ALA A 94 -23.52 11.22 7.56
N PRO A 95 -24.52 11.96 7.05
CA PRO A 95 -25.78 11.26 6.77
C PRO A 95 -25.60 10.12 5.77
N GLY A 96 -24.70 10.31 4.81
CA GLY A 96 -24.45 9.31 3.78
C GLY A 96 -23.56 8.16 4.24
N LEU A 97 -23.11 8.21 5.50
CA LEU A 97 -22.26 7.15 6.04
C LEU A 97 -23.01 6.22 6.99
N ILE A 98 -24.19 6.63 7.43
CA ILE A 98 -25.03 5.80 8.30
C ILE A 98 -25.37 4.49 7.57
N GLY A 99 -25.15 3.35 8.23
CA GLY A 99 -25.39 2.05 7.62
C GLY A 99 -24.15 1.44 6.98
N ALA A 100 -23.08 2.21 6.87
CA ALA A 100 -21.84 1.71 6.27
C ALA A 100 -21.11 0.71 7.18
N ASN A 101 -20.33 -0.18 6.58
CA ASN A 101 -19.53 -1.14 7.34
C ASN A 101 -18.21 -0.50 7.76
N PRO A 102 -18.05 -0.23 9.06
CA PRO A 102 -16.85 0.48 9.53
C PRO A 102 -15.61 -0.41 9.60
N LEU A 103 -15.75 -1.69 9.25
CA LEU A 103 -14.63 -2.63 9.30
C LEU A 103 -13.92 -2.77 7.97
N GLN A 104 -14.23 -1.88 7.03
CA GLN A 104 -13.64 -1.95 5.70
C GLN A 104 -13.11 -0.57 5.31
N PRO A 105 -11.88 -0.25 5.75
CA PRO A 105 -11.38 1.13 5.63
C PRO A 105 -11.27 1.63 4.20
N LEU A 106 -10.94 0.77 3.24
CA LEU A 106 -10.85 1.22 1.85
C LEU A 106 -12.23 1.43 1.21
N VAL A 107 -13.17 0.53 1.47
CA VAL A 107 -14.53 0.69 0.97
C VAL A 107 -15.14 1.95 1.56
N LEU A 108 -14.87 2.19 2.83
CA LEU A 108 -15.36 3.37 3.53
C LEU A 108 -14.77 4.64 2.92
N ARG A 109 -13.48 4.64 2.62
CA ARG A 109 -12.85 5.80 1.98
C ARG A 109 -13.49 6.12 0.62
N ARG A 110 -13.71 5.10 -0.21
CA ARG A 110 -14.39 5.32 -1.50
C ARG A 110 -15.81 5.85 -1.32
N ARG A 111 -16.50 5.37 -0.31
CA ARG A 111 -17.85 5.86 -0.03
C ARG A 111 -17.79 7.35 0.33
N MSE A 112 -16.84 7.73 1.18
CA MSE A 112 -16.65 9.15 1.51
C MSE A 112 -16.36 9.99 0.27
O MSE A 112 -16.91 11.08 0.10
CB MSE A 112 -15.53 9.32 2.54
CG MSE A 112 -15.92 8.86 3.92
SE MSE A 112 -14.64 9.46 5.30
CE MSE A 112 -13.18 8.27 4.91
N ASP A 113 -15.48 9.48 -0.59
CA ASP A 113 -15.13 10.20 -1.82
C ASP A 113 -16.38 10.42 -2.66
N GLY A 114 -17.34 9.52 -2.55
CA GLY A 114 -18.57 9.61 -3.31
C GLY A 114 -19.53 10.65 -2.76
N LEU A 115 -19.21 11.16 -1.57
CA LEU A 115 -20.05 12.16 -0.91
C LEU A 115 -19.43 13.57 -0.94
N LEU A 116 -18.09 13.64 -0.97
CA LEU A 116 -17.40 14.93 -0.93
C LEU A 116 -16.01 14.81 -1.53
N CYS A 117 -15.70 15.66 -2.50
CA CYS A 117 -14.37 15.68 -3.12
C CYS A 117 -13.37 16.39 -2.20
N GLY A 118 -12.16 15.85 -2.14
CA GLY A 118 -11.09 16.46 -1.35
C GLY A 118 -11.39 16.40 0.14
N HIS A 119 -11.05 17.47 0.85
CA HIS A 119 -11.29 17.54 2.30
C HIS A 119 -10.70 16.38 3.09
N ASN A 120 -9.49 15.97 2.73
CA ASN A 120 -8.81 14.87 3.42
C ASN A 120 -8.73 15.05 4.94
N TYR A 121 -8.51 16.27 5.41
CA TYR A 121 -8.36 16.51 6.85
C TYR A 121 -9.62 16.15 7.61
N ALA A 122 -10.76 16.22 6.94
CA ALA A 122 -12.02 15.84 7.58
C ALA A 122 -12.26 14.34 7.44
N LYS A 123 -11.99 13.81 6.25
CA LYS A 123 -12.12 12.37 6.02
C LYS A 123 -11.26 11.58 7.02
N ALA A 124 -10.10 12.13 7.35
CA ALA A 124 -9.16 11.47 8.25
C ALA A 124 -9.79 11.18 9.63
N ALA A 125 -10.60 12.10 10.13
CA ALA A 125 -11.28 11.88 11.41
C ALA A 125 -12.17 10.64 11.39
N ILE A 126 -12.90 10.45 10.29
CA ILE A 126 -13.78 9.30 10.15
C ILE A 126 -12.94 8.01 10.01
N ASP A 127 -11.92 8.07 9.15
CA ASP A 127 -11.01 6.93 8.97
C ASP A 127 -10.40 6.49 10.30
N ILE A 128 -9.95 7.45 11.10
CA ILE A 128 -9.33 7.10 12.38
C ILE A 128 -10.31 6.42 13.33
N ALA A 129 -11.53 6.95 13.40
CA ALA A 129 -12.55 6.39 14.29
C ALA A 129 -12.90 4.96 13.90
N ALA A 130 -12.96 4.69 12.60
CA ALA A 130 -13.23 3.33 12.11
C ALA A 130 -12.10 2.36 12.46
N TYR A 131 -10.84 2.77 12.33
CA TYR A 131 -9.74 1.92 12.76
C TYR A 131 -9.79 1.63 14.26
N ASP A 132 -10.13 2.66 15.05
CA ASP A 132 -10.28 2.50 16.50
C ASP A 132 -11.34 1.43 16.77
N LEU A 133 -12.48 1.57 16.11
CA LEU A 133 -13.59 0.62 16.25
C LEU A 133 -13.17 -0.79 15.82
N MSE A 134 -12.54 -0.91 14.64
CA MSE A 134 -12.04 -2.19 14.17
C MSE A 134 -11.16 -2.87 15.20
O MSE A 134 -11.33 -4.06 15.50
CB MSE A 134 -11.16 -2.00 12.93
CG MSE A 134 -11.87 -2.01 11.61
SE MSE A 134 -10.50 -1.99 10.20
CE MSE A 134 -10.07 -3.90 10.20
N GLY A 135 -10.18 -2.12 15.71
CA GLY A 135 -9.25 -2.65 16.69
C GLY A 135 -9.99 -3.18 17.91
N LYS A 136 -10.95 -2.41 18.41
CA LYS A 136 -11.73 -2.85 19.56
C LYS A 136 -12.58 -4.08 19.25
N HIS A 137 -13.07 -4.14 18.01
CA HIS A 137 -13.90 -5.29 17.62
C HIS A 137 -13.09 -6.59 17.59
N TYR A 138 -11.91 -6.53 16.98
CA TYR A 138 -11.07 -7.72 16.85
C TYR A 138 -10.18 -7.94 18.06
N GLY A 139 -10.08 -6.92 18.90
CA GLY A 139 -9.21 -7.01 20.08
C GLY A 139 -7.75 -6.94 19.66
N VAL A 140 -7.40 -5.94 18.86
CA VAL A 140 -6.06 -5.81 18.30
C VAL A 140 -5.68 -4.34 18.30
N ARG A 141 -4.39 -4.03 18.47
CA ARG A 141 -3.93 -2.64 18.37
C ARG A 141 -3.99 -2.19 16.92
N VAL A 142 -4.29 -0.91 16.70
CA VAL A 142 -4.36 -0.38 15.33
C VAL A 142 -3.07 -0.65 14.55
N ALA A 143 -1.93 -0.52 15.22
CA ALA A 143 -0.65 -0.78 14.55
C ALA A 143 -0.56 -2.20 13.99
N ASP A 144 -1.18 -3.16 14.67
CA ASP A 144 -1.22 -4.54 14.15
C ASP A 144 -2.30 -4.75 13.08
N LEU A 145 -3.10 -3.73 12.82
CA LEU A 145 -4.00 -3.77 11.66
C LEU A 145 -3.34 -3.11 10.46
N LEU A 146 -2.22 -2.44 10.70
CA LEU A 146 -1.53 -1.70 9.64
C LEU A 146 -0.21 -2.38 9.27
N GLY A 147 -0.04 -3.63 9.66
CA GLY A 147 1.13 -4.39 9.24
C GLY A 147 1.92 -4.97 10.40
N GLY A 148 1.77 -4.38 11.58
CA GLY A 148 2.42 -4.88 12.78
C GLY A 148 3.35 -3.91 13.48
N VAL A 149 3.44 -4.03 14.80
CA VAL A 149 4.33 -3.21 15.61
C VAL A 149 5.80 -3.51 15.32
N ALA A 150 6.52 -2.52 14.80
CA ALA A 150 7.95 -2.69 14.59
C ALA A 150 8.74 -2.12 15.76
N ALA A 151 8.11 -1.30 16.57
CA ALA A 151 8.75 -0.78 17.78
C ALA A 151 7.72 -0.29 18.77
N GLU A 152 7.87 -0.68 20.04
CA GLU A 152 6.96 -0.26 21.11
C GLU A 152 7.26 1.18 21.55
N ARG A 153 8.51 1.57 21.39
CA ARG A 153 8.93 2.91 21.78
C ARG A 153 9.23 3.69 20.52
N VAL A 154 8.38 4.68 20.22
CA VAL A 154 8.51 5.42 18.97
C VAL A 154 9.26 6.74 19.19
N PRO A 155 10.26 7.03 18.34
CA PRO A 155 10.98 8.30 18.48
C PRO A 155 10.08 9.49 18.18
N SER A 156 10.34 10.61 18.84
CA SER A 156 9.65 11.85 18.53
C SER A 156 10.69 12.84 18.02
N TYR A 157 10.25 14.02 17.65
CA TYR A 157 11.19 15.11 17.39
C TYR A 157 10.62 16.41 17.93
N TYR A 158 11.49 17.36 18.23
CA TYR A 158 11.05 18.65 18.78
C TYR A 158 11.16 19.76 17.76
N ALA A 159 10.08 20.51 17.60
CA ALA A 159 10.05 21.59 16.62
C ALA A 159 10.07 22.92 17.34
N THR A 160 11.15 23.67 17.14
CA THR A 160 11.26 24.99 17.73
C THR A 160 10.40 25.96 16.94
N GLY A 161 9.69 26.85 17.62
CA GLY A 161 9.02 27.93 16.93
C GLY A 161 10.06 28.95 16.51
N ILE A 162 9.67 29.89 15.64
CA ILE A 162 10.54 31.00 15.28
C ILE A 162 10.84 31.86 16.51
N GLY A 163 12.08 32.35 16.61
CA GLY A 163 12.52 33.18 17.73
C GLY A 163 13.93 33.69 17.50
N GLN A 164 14.54 34.29 18.53
CA GLN A 164 15.90 34.83 18.42
C GLN A 164 16.96 33.72 18.46
N PRO A 165 18.01 33.84 17.62
CA PRO A 165 19.03 32.79 17.42
C PRO A 165 19.61 32.20 18.71
N ASP A 166 20.00 33.05 19.65
CA ASP A 166 20.54 32.55 20.92
C ASP A 166 19.52 31.78 21.74
N GLU A 167 18.25 32.21 21.70
CA GLU A 167 17.20 31.58 22.48
C GLU A 167 16.82 30.22 21.89
N ILE A 168 16.76 30.17 20.56
CA ILE A 168 16.47 28.90 19.88
C ILE A 168 17.61 27.90 20.12
N ALA A 169 18.85 28.38 20.07
CA ALA A 169 20.00 27.52 20.33
C ALA A 169 19.97 26.89 21.74
N ARG A 170 19.54 27.66 22.74
CA ARG A 170 19.41 27.14 24.11
C ARG A 170 18.34 26.07 24.22
N ILE A 171 17.19 26.32 23.61
CA ILE A 171 16.09 25.38 23.66
C ILE A 171 16.51 24.08 22.95
N ALA A 172 17.26 24.23 21.85
CA ALA A 172 17.80 23.07 21.14
C ALA A 172 18.62 22.20 22.08
N ALA A 173 19.57 22.80 22.78
CA ALA A 173 20.42 22.05 23.71
C ALA A 173 19.62 21.41 24.86
N GLU A 174 18.63 22.13 25.40
CA GLU A 174 17.79 21.58 26.47
C GLU A 174 17.01 20.37 25.98
N LYS A 175 16.47 20.45 24.76
CA LYS A 175 15.66 19.37 24.23
C LYS A 175 16.46 18.13 23.85
N VAL A 176 17.68 18.33 23.34
CA VAL A 176 18.60 17.22 23.15
C VAL A 176 18.87 16.49 24.48
N ALA A 177 19.11 17.26 25.54
CA ALA A 177 19.35 16.67 26.85
C ALA A 177 18.16 15.85 27.36
N GLU A 178 16.95 16.28 27.02
CA GLU A 178 15.74 15.55 27.41
C GLU A 178 15.59 14.22 26.67
N GLY A 179 16.37 14.04 25.60
CA GLY A 179 16.34 12.77 24.88
C GLY A 179 15.79 12.79 23.45
N PHE A 180 15.35 13.94 22.95
CA PHE A 180 14.86 13.97 21.56
C PHE A 180 16.01 13.67 20.60
N PRO A 181 15.82 12.67 19.71
CA PRO A 181 16.90 12.26 18.80
C PRO A 181 16.98 13.15 17.55
N ARG A 182 16.00 14.03 17.39
CA ARG A 182 15.91 14.88 16.21
C ARG A 182 15.31 16.22 16.58
N LEU A 183 15.81 17.29 15.95
CA LEU A 183 15.32 18.65 16.16
C LEU A 183 14.94 19.24 14.84
N GLN A 184 13.81 19.95 14.80
CA GLN A 184 13.42 20.69 13.62
C GLN A 184 13.40 22.16 13.96
N ILE A 185 14.15 22.94 13.19
CA ILE A 185 14.24 24.38 13.42
C ILE A 185 13.38 25.12 12.41
N LYS A 186 12.39 25.88 12.88
CA LYS A 186 11.54 26.62 11.96
C LYS A 186 12.16 27.96 11.57
N ILE A 187 12.16 28.27 10.27
CA ILE A 187 12.71 29.55 9.80
C ILE A 187 11.79 30.25 8.79
N GLY A 188 12.19 31.45 8.36
CA GLY A 188 11.47 32.17 7.32
C GLY A 188 10.66 33.35 7.82
N GLY A 189 10.17 34.18 6.89
CA GLY A 189 9.33 35.31 7.26
C GLY A 189 10.13 36.49 7.78
N ARG A 190 11.43 36.50 7.47
CA ARG A 190 12.33 37.54 7.96
C ARG A 190 13.61 37.39 7.12
N PRO A 191 14.53 38.38 7.19
CA PRO A 191 15.73 38.25 6.35
C PRO A 191 16.49 36.96 6.63
N VAL A 192 16.87 36.26 5.57
CA VAL A 192 17.46 34.93 5.71
C VAL A 192 18.79 34.91 6.51
N GLU A 193 19.47 36.06 6.61
CA GLU A 193 20.69 36.19 7.43
C GLU A 193 20.47 35.71 8.85
N ILE A 194 19.27 35.98 9.36
CA ILE A 194 18.92 35.63 10.72
C ILE A 194 18.65 34.13 10.84
N ASP A 195 18.04 33.56 9.80
CA ASP A 195 17.78 32.13 9.77
C ASP A 195 19.10 31.39 9.74
N ILE A 196 20.03 31.88 8.92
CA ILE A 196 21.37 31.27 8.82
C ILE A 196 22.12 31.36 10.17
N GLU A 197 21.99 32.49 10.85
CA GLU A 197 22.63 32.67 12.17
C GLU A 197 22.06 31.68 13.18
N THR A 198 20.74 31.52 13.16
CA THR A 198 20.06 30.56 14.04
C THR A 198 20.58 29.14 13.80
N VAL A 199 20.65 28.74 12.53
CA VAL A 199 21.12 27.38 12.18
C VAL A 199 22.55 27.13 12.68
N ARG A 200 23.41 28.12 12.48
CA ARG A 200 24.79 27.99 12.91
C ARG A 200 24.94 27.90 14.43
N LYS A 201 24.11 28.66 15.15
CA LYS A 201 24.21 28.63 16.61
C LYS A 201 23.62 27.34 17.20
N VAL A 202 22.53 26.86 16.60
CA VAL A 202 21.95 25.58 17.00
C VAL A 202 22.98 24.48 16.81
N TRP A 203 23.61 24.47 15.63
CA TRP A 203 24.60 23.45 15.32
C TRP A 203 25.76 23.48 16.31
N GLU A 204 26.22 24.69 16.67
CA GLU A 204 27.27 24.82 17.68
C GLU A 204 26.92 24.06 18.94
N ARG A 205 25.64 24.10 19.33
CA ARG A 205 25.18 23.48 20.57
C ARG A 205 24.95 21.98 20.48
N ILE A 206 24.57 21.49 19.30
CA ILE A 206 24.18 20.07 19.19
C ILE A 206 25.16 19.17 18.45
N ARG A 207 26.18 19.76 17.81
CA ARG A 207 27.20 18.97 17.13
C ARG A 207 27.83 17.95 18.09
N GLY A 208 27.95 16.71 17.64
CA GLY A 208 28.59 15.68 18.45
C GLY A 208 27.66 14.97 19.43
N THR A 209 26.38 15.32 19.42
CA THR A 209 25.41 14.67 20.32
C THR A 209 24.69 13.55 19.58
N GLY A 210 24.95 13.42 18.29
CA GLY A 210 24.27 12.43 17.49
C GLY A 210 22.82 12.80 17.19
N THR A 211 22.51 14.08 17.30
CA THR A 211 21.16 14.55 17.02
C THR A 211 21.03 14.91 15.55
N ARG A 212 19.96 14.44 14.91
CA ARG A 212 19.65 14.83 13.52
C ARG A 212 18.95 16.18 13.45
N LEU A 213 19.21 16.90 12.35
CA LEU A 213 18.74 18.27 12.24
C LEU A 213 17.92 18.49 10.98
N ALA A 214 16.76 19.12 11.14
CA ALA A 214 15.95 19.55 10.00
C ALA A 214 15.74 21.06 10.13
N VAL A 215 15.75 21.74 9.01
CA VAL A 215 15.43 23.17 8.96
C VAL A 215 14.17 23.34 8.12
N ASP A 216 13.09 23.82 8.74
CA ASP A 216 11.79 23.89 8.05
C ASP A 216 11.47 25.30 7.57
N GLY A 217 11.42 25.48 6.25
CA GLY A 217 11.15 26.79 5.68
C GLY A 217 9.66 27.15 5.63
N ASN A 218 8.82 26.18 5.98
CA ASN A 218 7.35 26.32 5.94
C ASN A 218 6.81 27.13 4.75
N ARG A 219 7.23 26.74 3.55
CA ARG A 219 6.77 27.34 2.28
C ARG A 219 7.19 28.80 2.09
N SER A 220 8.09 29.33 2.93
CA SER A 220 8.29 30.78 2.96
C SER A 220 9.54 31.33 2.28
N LEU A 221 10.43 30.46 1.79
CA LEU A 221 11.67 30.93 1.16
C LEU A 221 11.53 31.07 -0.35
N PRO A 222 11.88 32.25 -0.89
CA PRO A 222 12.11 32.32 -2.35
C PRO A 222 13.32 31.43 -2.69
N SER A 223 13.35 30.86 -3.88
CA SER A 223 14.49 30.08 -4.35
C SER A 223 15.82 30.76 -4.02
N ARG A 224 15.89 32.07 -4.27
CA ARG A 224 17.04 32.89 -3.93
C ARG A 224 17.60 32.53 -2.55
N ASP A 225 16.73 32.49 -1.55
CA ASP A 225 17.20 32.30 -0.18
C ASP A 225 17.45 30.84 0.17
N ALA A 226 16.69 29.94 -0.42
CA ALA A 226 16.90 28.52 -0.18
C ALA A 226 18.28 28.12 -0.72
N LEU A 227 18.62 28.65 -1.90
CA LEU A 227 19.94 28.42 -2.50
C LEU A 227 21.06 28.94 -1.60
N ARG A 228 20.88 30.14 -1.05
CA ARG A 228 21.92 30.74 -0.19
C ARG A 228 22.12 29.93 1.09
N LEU A 229 21.01 29.54 1.72
CA LEU A 229 21.06 28.76 2.96
C LEU A 229 21.93 27.50 2.79
N SER A 230 21.64 26.70 1.77
CA SER A 230 22.41 25.48 1.52
C SER A 230 23.83 25.78 1.06
N ARG A 231 23.98 26.79 0.22
CA ARG A 231 25.29 27.15 -0.35
C ARG A 231 26.29 27.56 0.74
N GLU A 232 25.82 28.30 1.74
CA GLU A 232 26.67 28.82 2.81
C GLU A 232 26.98 27.83 3.93
N CYS A 233 26.23 26.73 4.00
CA CYS A 233 26.35 25.80 5.13
C CYS A 233 26.62 24.32 4.80
N PRO A 234 27.57 24.03 3.90
CA PRO A 234 27.76 22.62 3.51
C PRO A 234 28.18 21.71 4.68
N GLU A 235 28.89 22.28 5.66
CA GLU A 235 29.37 21.54 6.82
C GLU A 235 28.31 21.29 7.91
N ILE A 236 27.11 21.85 7.74
CA ILE A 236 26.04 21.60 8.69
C ILE A 236 25.03 20.62 8.12
N PRO A 237 24.86 19.46 8.78
CA PRO A 237 24.08 18.36 8.21
C PRO A 237 22.57 18.46 8.40
N PHE A 238 21.96 19.53 7.93
CA PHE A 238 20.50 19.58 7.98
C PHE A 238 19.90 18.97 6.73
N VAL A 239 18.64 18.56 6.84
CA VAL A 239 17.82 18.45 5.62
C VAL A 239 16.96 19.71 5.55
N LEU A 240 16.67 20.15 4.33
CA LEU A 240 15.89 21.35 4.10
C LEU A 240 14.44 20.89 3.87
N GLU A 241 13.57 21.19 4.82
N GLU A 241 13.56 21.22 4.81
CA GLU A 241 12.18 20.72 4.73
CA GLU A 241 12.19 20.73 4.73
C GLU A 241 11.27 21.80 4.16
C GLU A 241 11.25 21.80 4.18
N GLN A 242 10.56 21.45 3.09
CA GLN A 242 9.63 22.37 2.40
C GLN A 242 10.09 23.82 2.36
N PRO A 243 11.29 24.07 1.79
CA PRO A 243 11.82 25.44 1.79
C PRO A 243 10.93 26.42 1.02
N CYS A 244 10.37 25.95 -0.09
CA CYS A 244 9.65 26.82 -1.01
C CYS A 244 8.16 26.49 -1.02
N ASN A 245 7.34 27.41 -1.54
CA ASN A 245 5.88 27.27 -1.50
C ASN A 245 5.33 26.11 -2.32
N THR A 246 5.84 25.95 -3.55
CA THR A 246 5.29 24.93 -4.46
C THR A 246 6.29 23.83 -4.77
N LEU A 247 5.78 22.65 -5.14
CA LEU A 247 6.62 21.56 -5.60
C LEU A 247 7.38 21.96 -6.85
N GLU A 248 6.76 22.80 -7.68
CA GLU A 248 7.42 23.30 -8.88
C GLU A 248 8.71 24.04 -8.55
N GLU A 249 8.67 24.95 -7.57
CA GLU A 249 9.89 25.68 -7.16
C GLU A 249 10.96 24.75 -6.60
N ILE A 250 10.53 23.75 -5.84
CA ILE A 250 11.47 22.79 -5.23
C ILE A 250 12.17 21.95 -6.30
N ALA A 251 11.41 21.51 -7.31
CA ALA A 251 12.00 20.75 -8.42
C ALA A 251 13.02 21.59 -9.18
N ALA A 252 12.79 22.90 -9.22
CA ALA A 252 13.67 23.83 -9.92
C ALA A 252 15.00 24.13 -9.22
N ILE A 253 15.06 23.98 -7.89
CA ILE A 253 16.32 24.28 -7.19
C ILE A 253 17.06 22.99 -6.78
N ARG A 254 16.33 21.87 -6.86
N ARG A 254 16.35 21.87 -6.83
CA ARG A 254 16.80 20.57 -6.37
CA ARG A 254 16.87 20.61 -6.27
C ARG A 254 18.25 20.25 -6.78
C ARG A 254 18.28 20.24 -6.77
N GLY A 255 18.54 20.40 -8.06
CA GLY A 255 19.84 20.05 -8.62
C GLY A 255 20.96 20.97 -8.18
N ARG A 256 20.61 22.15 -7.66
CA ARG A 256 21.60 23.15 -7.24
C ARG A 256 21.81 23.15 -5.73
N VAL A 257 21.13 22.25 -5.05
CA VAL A 257 21.18 22.19 -3.59
C VAL A 257 21.78 20.86 -3.14
N GLN A 258 22.85 20.93 -2.36
CA GLN A 258 23.58 19.73 -1.94
C GLN A 258 23.10 19.12 -0.63
N HIS A 259 22.17 19.79 0.05
CA HIS A 259 21.52 19.20 1.23
C HIS A 259 20.28 18.41 0.81
N GLY A 260 19.97 17.33 1.53
CA GLY A 260 18.75 16.60 1.26
C GLY A 260 17.54 17.53 1.39
N ILE A 261 16.53 17.32 0.56
CA ILE A 261 15.31 18.13 0.63
C ILE A 261 14.12 17.24 0.97
N TYR A 262 13.32 17.64 1.96
CA TYR A 262 12.11 16.91 2.31
C TYR A 262 10.85 17.69 1.91
N LEU A 263 9.81 16.98 1.49
CA LEU A 263 8.52 17.61 1.22
C LEU A 263 7.62 17.48 2.44
N ASP A 264 6.82 18.50 2.73
CA ASP A 264 5.81 18.43 3.79
C ASP A 264 4.46 18.82 3.20
N GLU A 265 4.16 20.11 3.25
CA GLU A 265 2.89 20.64 2.73
C GLU A 265 2.60 20.23 1.27
N SER A 266 3.64 20.03 0.47
CA SER A 266 3.44 19.64 -0.93
C SER A 266 2.92 18.21 -1.09
N GLY A 267 3.15 17.37 -0.08
CA GLY A 267 2.68 15.99 -0.13
C GLY A 267 1.20 15.89 0.20
N GLU A 268 0.36 16.40 -0.70
CA GLU A 268 -1.08 16.56 -0.47
C GLU A 268 -1.90 15.29 -0.64
N ASP A 269 -1.37 14.34 -1.41
CA ASP A 269 -2.07 13.08 -1.64
C ASP A 269 -1.12 12.03 -2.17
N LEU A 270 -1.61 10.81 -2.36
CA LEU A 270 -0.74 9.70 -2.73
C LEU A 270 -0.19 9.92 -4.14
N SER A 271 -1.02 10.47 -5.00
CA SER A 271 -0.60 10.74 -6.38
C SER A 271 0.63 11.65 -6.45
N THR A 272 0.68 12.65 -5.60
CA THR A 272 1.83 13.56 -5.54
C THR A 272 3.05 12.88 -4.92
N VAL A 273 2.83 12.03 -3.93
CA VAL A 273 3.92 11.25 -3.37
C VAL A 273 4.57 10.35 -4.45
N ILE A 274 3.73 9.75 -5.28
CA ILE A 274 4.16 8.85 -6.34
C ILE A 274 5.00 9.61 -7.39
N ARG A 275 4.57 10.82 -7.75
CA ARG A 275 5.35 11.69 -8.60
C ARG A 275 6.73 12.00 -7.99
N ALA A 276 6.73 12.43 -6.73
CA ALA A 276 7.96 12.86 -6.06
C ALA A 276 8.93 11.70 -5.91
N ALA A 277 8.43 10.55 -5.49
CA ALA A 277 9.27 9.37 -5.36
C ALA A 277 9.74 8.83 -6.73
N GLY A 278 8.82 8.68 -7.67
CA GLY A 278 9.16 8.14 -8.98
C GLY A 278 10.05 9.02 -9.85
N GLN A 279 10.00 10.33 -9.64
CA GLN A 279 10.84 11.23 -10.43
C GLN A 279 12.06 11.72 -9.66
N GLY A 280 12.23 11.24 -8.43
CA GLY A 280 13.36 11.61 -7.59
C GLY A 280 13.41 13.08 -7.21
N LEU A 281 12.25 13.65 -6.87
CA LEU A 281 12.17 15.08 -6.56
C LEU A 281 12.47 15.43 -5.11
N CYS A 282 12.59 14.43 -4.23
CA CYS A 282 12.92 14.71 -2.84
C CYS A 282 13.62 13.54 -2.16
N ASP A 283 14.15 13.79 -0.97
CA ASP A 283 14.97 12.80 -0.27
C ASP A 283 14.29 12.28 0.99
N GLY A 284 13.05 12.68 1.21
CA GLY A 284 12.32 12.27 2.39
C GLY A 284 11.04 13.08 2.54
N PHE A 285 10.27 12.81 3.59
CA PHE A 285 8.99 13.49 3.78
C PHE A 285 8.72 13.82 5.24
N GLY A 286 8.10 14.97 5.48
CA GLY A 286 7.34 15.15 6.69
C GLY A 286 5.89 14.90 6.29
N MSE A 287 5.28 13.82 6.79
CA MSE A 287 3.91 13.53 6.39
C MSE A 287 2.87 13.70 7.49
O MSE A 287 3.04 13.16 8.60
CB MSE A 287 3.79 12.14 5.76
CG MSE A 287 2.39 11.86 5.24
SE MSE A 287 1.77 13.23 3.95
CE MSE A 287 2.78 12.56 2.38
N LYS A 288 1.80 14.43 7.19
CA LYS A 288 0.71 14.62 8.14
C LYS A 288 -0.47 13.70 7.85
N LEU A 289 -0.90 12.98 8.87
CA LEU A 289 -1.97 12.00 8.72
C LEU A 289 -3.24 12.64 8.14
N THR A 290 -3.61 13.80 8.64
CA THR A 290 -4.85 14.43 8.18
C THR A 290 -4.73 14.93 6.74
N ARG A 291 -3.54 15.37 6.34
CA ARG A 291 -3.35 15.86 4.97
C ARG A 291 -3.53 14.74 3.94
N ILE A 292 -3.00 13.55 4.24
CA ILE A 292 -3.07 12.44 3.29
C ILE A 292 -4.43 11.71 3.32
N GLY A 293 -5.23 11.97 4.35
CA GLY A 293 -6.61 11.48 4.37
C GLY A 293 -6.91 10.33 5.32
N GLY A 294 -5.92 9.91 6.10
CA GLY A 294 -6.18 8.88 7.09
C GLY A 294 -5.17 7.76 7.09
N LEU A 295 -5.41 6.75 7.93
CA LEU A 295 -4.44 5.67 8.14
C LEU A 295 -4.33 4.71 6.95
N GLN A 296 -5.44 4.53 6.24
CA GLN A 296 -5.45 3.64 5.06
C GLN A 296 -4.44 4.16 4.03
N GLN A 297 -4.48 5.46 3.77
CA GLN A 297 -3.58 6.09 2.81
C GLN A 297 -2.17 6.26 3.39
N MSE A 298 -2.10 6.50 4.69
CA MSE A 298 -0.81 6.67 5.35
C MSE A 298 0.01 5.38 5.26
O MSE A 298 1.22 5.41 5.10
CB MSE A 298 -1.03 7.05 6.80
CG MSE A 298 0.22 7.52 7.50
SE MSE A 298 0.74 9.31 6.86
CE MSE A 298 2.40 9.43 7.89
N ALA A 299 -0.68 4.24 5.36
CA ALA A 299 0.02 2.95 5.26
C ALA A 299 0.63 2.74 3.87
N ALA A 300 -0.09 3.13 2.83
CA ALA A 300 0.42 3.02 1.47
C ALA A 300 1.59 3.99 1.24
N PHE A 301 1.45 5.20 1.79
CA PHE A 301 2.54 6.17 1.74
C PHE A 301 3.82 5.60 2.39
N ARG A 302 3.67 5.00 3.57
CA ARG A 302 4.78 4.34 4.27
C ARG A 302 5.48 3.29 3.39
N ASP A 303 4.68 2.46 2.73
CA ASP A 303 5.21 1.39 1.88
C ASP A 303 5.97 1.93 0.68
N ILE A 304 5.50 3.05 0.13
CA ILE A 304 6.20 3.70 -0.97
C ILE A 304 7.55 4.21 -0.51
N CYS A 305 7.56 4.90 0.63
CA CYS A 305 8.82 5.42 1.19
C CYS A 305 9.81 4.29 1.52
N GLU A 306 9.30 3.19 2.06
CA GLU A 306 10.17 2.07 2.43
C GLU A 306 10.81 1.43 1.21
N ALA A 307 10.06 1.31 0.11
CA ALA A 307 10.59 0.73 -1.13
C ALA A 307 11.73 1.57 -1.71
N ARG A 308 11.73 2.86 -1.40
CA ARG A 308 12.72 3.78 -1.95
C ARG A 308 13.70 4.31 -0.92
N ALA A 309 13.67 3.73 0.28
CA ALA A 309 14.56 4.15 1.36
C ALA A 309 14.47 5.67 1.62
N LEU A 310 13.24 6.19 1.63
CA LEU A 310 13.02 7.61 1.87
C LEU A 310 12.56 7.81 3.31
N PRO A 311 13.40 8.45 4.14
CA PRO A 311 13.01 8.59 5.56
C PRO A 311 11.78 9.49 5.68
N HIS A 312 10.98 9.28 6.72
CA HIS A 312 9.81 10.14 6.89
C HIS A 312 9.34 10.17 8.33
N SER A 313 8.64 11.24 8.67
CA SER A 313 8.02 11.37 9.97
C SER A 313 6.53 11.09 9.82
N CYS A 314 5.88 10.78 10.94
CA CYS A 314 4.44 10.54 10.96
C CYS A 314 3.83 11.52 11.94
N ASP A 315 3.36 12.65 11.41
CA ASP A 315 2.94 13.75 12.25
C ASP A 315 1.49 14.13 12.05
N ASP A 316 1.08 15.17 12.76
CA ASP A 316 -0.07 15.95 12.34
C ASP A 316 0.05 17.39 12.79
N ALA A 317 -0.91 18.22 12.35
CA ALA A 317 -0.87 19.66 12.60
C ALA A 317 -0.93 20.01 14.09
N TRP A 318 -1.78 19.28 14.82
CA TRP A 318 -2.09 19.59 16.21
C TRP A 318 -3.22 18.67 16.70
N GLY A 319 -3.49 18.70 18.00
CA GLY A 319 -4.62 17.96 18.56
C GLY A 319 -4.23 17.10 19.75
N GLY A 320 -5.22 16.55 20.44
CA GLY A 320 -5.00 15.80 21.67
C GLY A 320 -4.77 14.32 21.52
N ASP A 321 -5.21 13.53 22.51
CA ASP A 321 -4.86 12.11 22.58
C ASP A 321 -5.27 11.28 21.38
N ILE A 322 -6.42 11.60 20.78
CA ILE A 322 -6.95 10.78 19.70
C ILE A 322 -6.09 10.85 18.43
N ILE A 323 -5.86 12.05 17.91
CA ILE A 323 -4.99 12.16 16.73
C ILE A 323 -3.54 11.77 17.08
N ALA A 324 -3.10 12.11 18.29
CA ALA A 324 -1.74 11.74 18.71
C ALA A 324 -1.57 10.22 18.72
N ALA A 325 -2.59 9.51 19.21
CA ALA A 325 -2.53 8.05 19.24
C ALA A 325 -2.49 7.46 17.83
N ALA A 326 -3.27 8.04 16.93
CA ALA A 326 -3.28 7.54 15.56
C ALA A 326 -1.90 7.65 14.91
N CYS A 327 -1.23 8.80 15.11
CA CYS A 327 0.12 9.00 14.58
C CYS A 327 1.15 8.05 15.18
N THR A 328 1.01 7.80 16.49
CA THR A 328 1.90 6.90 17.19
C THR A 328 1.75 5.49 16.65
N HIS A 329 0.51 5.08 16.40
CA HIS A 329 0.25 3.74 15.85
C HIS A 329 0.90 3.53 14.47
N ILE A 330 0.73 4.47 13.55
CA ILE A 330 1.37 4.28 12.24
C ILE A 330 2.89 4.42 12.39
N GLY A 331 3.32 5.32 13.25
CA GLY A 331 4.75 5.46 13.55
C GLY A 331 5.40 4.18 14.06
N ALA A 332 4.66 3.40 14.84
CA ALA A 332 5.21 2.16 15.40
C ALA A 332 5.43 1.10 14.34
N THR A 333 4.89 1.31 13.14
CA THR A 333 5.00 0.32 12.04
C THR A 333 6.14 0.64 11.07
N VAL A 334 6.73 1.83 11.22
CA VAL A 334 7.79 2.32 10.31
C VAL A 334 9.13 1.65 10.57
N GLN A 335 9.83 1.28 9.51
CA GLN A 335 11.19 0.73 9.64
C GLN A 335 12.03 1.72 10.46
N PRO A 336 12.61 1.25 11.58
CA PRO A 336 13.29 2.17 12.51
C PRO A 336 14.35 3.04 11.83
N ARG A 337 15.07 2.50 10.85
CA ARG A 337 16.15 3.27 10.22
C ARG A 337 15.61 4.38 9.32
N LEU A 338 14.33 4.30 8.99
CA LEU A 338 13.69 5.35 8.17
C LEU A 338 12.75 6.23 8.98
N ASN A 339 12.65 5.98 10.28
CA ASN A 339 11.68 6.73 11.09
C ASN A 339 12.24 8.05 11.58
N GLU A 340 11.80 9.16 10.99
CA GLU A 340 12.27 10.47 11.44
C GLU A 340 11.51 10.97 12.67
N GLY A 341 10.51 10.20 13.09
CA GLY A 341 9.84 10.51 14.35
C GLY A 341 8.36 10.86 14.24
N VAL A 342 7.67 10.81 15.38
CA VAL A 342 6.26 11.19 15.46
C VAL A 342 6.15 12.45 16.30
N TRP A 343 5.70 13.53 15.69
CA TRP A 343 5.50 14.77 16.43
C TRP A 343 4.09 14.80 17.02
N VAL A 344 3.94 15.24 18.28
CA VAL A 344 2.62 15.45 18.88
C VAL A 344 2.56 16.77 19.65
N ALA A 345 1.35 17.31 19.76
CA ALA A 345 1.12 18.58 20.45
C ALA A 345 1.06 18.47 21.98
N GLN A 346 1.09 17.24 22.49
CA GLN A 346 0.97 16.98 23.93
C GLN A 346 1.69 17.95 24.89
N PRO A 347 2.96 18.31 24.60
CA PRO A 347 3.63 19.20 25.57
C PRO A 347 2.98 20.57 25.70
N TYR A 348 2.14 20.93 24.72
CA TYR A 348 1.52 22.25 24.71
C TYR A 348 0.08 22.21 25.19
N ILE A 349 -0.40 21.02 25.55
CA ILE A 349 -1.80 20.80 25.94
C ILE A 349 -1.94 20.43 27.42
N ALA A 350 -2.73 21.21 28.16
CA ALA A 350 -2.83 21.01 29.61
C ALA A 350 -3.71 19.84 30.06
N GLN A 351 -4.78 19.55 29.31
CA GLN A 351 -5.75 18.55 29.73
C GLN A 351 -5.89 17.39 28.73
N PRO A 352 -5.31 16.21 29.06
CA PRO A 352 -5.42 15.01 28.22
C PRO A 352 -6.85 14.45 28.22
N TYR A 353 -7.27 13.80 27.14
CA TYR A 353 -8.63 13.23 27.08
C TYR A 353 -8.72 11.98 27.95
N ASP A 354 -7.61 11.25 28.02
CA ASP A 354 -7.55 9.99 28.75
C ASP A 354 -6.45 10.15 29.79
N GLU A 355 -6.83 10.35 31.04
CA GLU A 355 -5.86 10.59 32.11
C GLU A 355 -4.92 9.41 32.38
N GLU A 356 -5.41 8.19 32.19
CA GLU A 356 -4.60 6.99 32.46
C GLU A 356 -3.64 6.64 31.33
N ASN A 357 -4.14 6.64 30.10
CA ASN A 357 -3.39 6.05 28.99
C ASN A 357 -3.17 6.94 27.79
N GLY A 358 -3.43 8.24 27.95
CA GLY A 358 -3.19 9.19 26.86
C GLY A 358 -1.75 9.21 26.40
N ILE A 359 -1.52 9.72 25.19
CA ILE A 359 -0.17 9.80 24.63
C ILE A 359 0.67 10.82 25.38
N ARG A 360 1.83 10.40 25.88
CA ARG A 360 2.76 11.29 26.57
C ARG A 360 4.15 11.14 25.96
N ILE A 361 4.88 12.24 25.83
CA ILE A 361 6.28 12.15 25.42
C ILE A 361 7.14 11.94 26.67
N ALA A 362 8.02 10.95 26.63
CA ALA A 362 8.93 10.68 27.73
C ALA A 362 10.33 10.39 27.21
N GLY A 363 11.30 11.23 27.56
CA GLY A 363 12.66 11.03 27.10
C GLY A 363 12.76 11.18 25.58
N GLY A 364 11.93 12.04 25.01
CA GLY A 364 11.99 12.29 23.58
C GLY A 364 11.40 11.16 22.75
N HIS A 365 10.70 10.24 23.42
CA HIS A 365 10.06 9.12 22.75
C HIS A 365 8.62 8.96 23.22
N ILE A 366 7.87 8.12 22.52
CA ILE A 366 6.47 7.89 22.85
C ILE A 366 6.26 6.38 22.93
N ASP A 367 5.70 5.91 24.05
CA ASP A 367 5.36 4.50 24.19
C ASP A 367 4.02 4.24 23.52
N LEU A 368 3.93 3.16 22.73
CA LEU A 368 2.67 2.79 22.09
C LEU A 368 1.69 2.29 23.16
N PRO A 369 0.44 2.79 23.15
CA PRO A 369 -0.54 2.30 24.13
C PRO A 369 -0.73 0.78 24.03
N LYS A 370 -1.11 0.14 25.14
CA LYS A 370 -1.20 -1.30 25.20
C LYS A 370 -2.56 -1.83 24.72
N GLY A 371 -3.61 -1.02 24.87
CA GLY A 371 -4.97 -1.51 24.65
C GLY A 371 -5.36 -1.72 23.19
N PRO A 372 -6.54 -2.33 22.97
CA PRO A 372 -7.04 -2.57 21.62
C PRO A 372 -7.43 -1.25 20.97
N GLY A 373 -7.57 -1.23 19.66
CA GLY A 373 -7.89 0.01 18.97
C GLY A 373 -6.75 1.00 19.12
N LEU A 374 -7.07 2.27 19.34
CA LEU A 374 -6.05 3.27 19.58
C LEU A 374 -5.45 3.14 20.97
N GLY A 375 -6.13 2.38 21.84
CA GLY A 375 -5.66 2.16 23.20
C GLY A 375 -6.00 3.34 24.10
N ILE A 376 -6.89 4.21 23.61
CA ILE A 376 -7.25 5.46 24.27
C ILE A 376 -8.73 5.46 24.59
N THR A 377 -9.09 5.99 25.76
CA THR A 377 -10.49 6.07 26.16
C THR A 377 -10.82 7.49 26.62
N PRO A 378 -11.41 8.27 25.73
CA PRO A 378 -11.62 9.71 26.01
C PRO A 378 -12.69 9.91 27.06
N ASP A 379 -12.48 10.86 27.97
CA ASP A 379 -13.52 11.23 28.93
C ASP A 379 -14.44 12.22 28.21
N GLU A 380 -15.60 11.72 27.81
CA GLU A 380 -16.50 12.45 26.94
C GLU A 380 -17.09 13.68 27.64
N SER A 381 -17.12 13.64 28.97
CA SER A 381 -17.62 14.76 29.76
C SER A 381 -16.82 16.04 29.52
N LEU A 382 -15.55 15.89 29.13
CA LEU A 382 -14.69 17.04 28.84
C LEU A 382 -15.12 17.82 27.60
N PHE A 383 -15.81 17.15 26.67
CA PHE A 383 -16.10 17.73 25.36
C PHE A 383 -17.44 18.47 25.35
N GLY A 384 -18.28 18.16 26.32
CA GLY A 384 -19.65 18.65 26.31
C GLY A 384 -20.47 17.82 25.34
N PRO A 385 -21.76 18.17 25.19
CA PRO A 385 -22.61 17.45 24.23
C PRO A 385 -22.16 17.71 22.81
N PRO A 386 -22.48 16.81 21.86
CA PRO A 386 -22.11 16.98 20.45
C PRO A 386 -22.67 18.27 19.87
N VAL A 387 -21.96 18.91 18.95
CA VAL A 387 -22.51 20.06 18.26
C VAL A 387 -23.36 19.60 17.06
N ALA A 388 -23.22 18.32 16.71
CA ALA A 388 -24.00 17.70 15.65
C ALA A 388 -24.05 16.19 15.83
N SER A 389 -25.25 15.63 15.66
CA SER A 389 -25.46 14.19 15.77
C SER A 389 -26.21 13.71 14.55
N PHE A 390 -25.81 12.55 14.04
CA PHE A 390 -26.44 11.99 12.85
C PHE A 390 -26.81 10.52 13.11
N SER A 391 -28.00 10.11 12.67
CA SER A 391 -28.51 8.77 12.91
C SER A 391 -29.44 8.29 11.80
N MSE B 23 0.38 -14.78 19.50
CA MSE B 23 0.64 -15.94 18.66
C MSE B 23 2.09 -16.04 18.21
O MSE B 23 2.79 -15.02 18.07
CB MSE B 23 -0.27 -15.95 17.43
CG MSE B 23 -1.57 -16.68 17.62
SE MSE B 23 -2.28 -17.16 16.03
CE MSE B 23 -3.65 -18.17 16.63
N LYS B 24 2.54 -17.27 17.98
CA LYS B 24 3.87 -17.54 17.44
C LYS B 24 3.84 -18.72 16.48
N ILE B 25 4.69 -18.64 15.46
CA ILE B 25 4.88 -19.77 14.55
C ILE B 25 5.60 -20.91 15.28
N ALA B 26 4.98 -22.08 15.29
CA ALA B 26 5.61 -23.26 15.91
C ALA B 26 6.21 -24.22 14.85
N GLU B 27 5.48 -24.42 13.75
CA GLU B 27 5.91 -25.35 12.69
C GLU B 27 5.72 -24.74 11.31
N ILE B 28 6.63 -25.08 10.40
CA ILE B 28 6.45 -24.75 8.98
C ILE B 28 6.66 -26.02 8.17
N HIS B 29 5.70 -26.35 7.32
CA HIS B 29 5.81 -27.56 6.52
C HIS B 29 5.78 -27.22 5.03
N VAL B 30 6.74 -27.75 4.28
CA VAL B 30 6.85 -27.51 2.84
C VAL B 30 6.48 -28.77 2.06
N TYR B 31 5.63 -28.62 1.05
CA TYR B 31 5.11 -29.77 0.30
C TYR B 31 5.38 -29.58 -1.18
N ALA B 32 5.65 -30.68 -1.88
CA ALA B 32 5.76 -30.65 -3.34
C ALA B 32 4.59 -31.42 -3.91
N HIS B 33 3.98 -30.89 -4.98
CA HIS B 33 2.74 -31.49 -5.50
C HIS B 33 2.61 -31.25 -7.00
N ASP B 34 2.15 -32.26 -7.73
CA ASP B 34 2.04 -32.16 -9.20
C ASP B 34 0.63 -31.80 -9.71
N LEU B 35 0.58 -30.97 -10.76
CA LEU B 35 -0.66 -30.54 -11.41
C LEU B 35 -0.53 -30.61 -12.94
N PRO B 36 -1.12 -31.64 -13.56
CA PRO B 36 -1.04 -31.75 -15.03
C PRO B 36 -2.10 -30.91 -15.75
N VAL B 37 -1.73 -30.30 -16.88
CA VAL B 37 -2.66 -29.46 -17.64
C VAL B 37 -3.62 -30.27 -18.52
N LYS B 38 -4.92 -30.14 -18.26
CA LYS B 38 -5.93 -30.78 -19.09
C LYS B 38 -5.91 -30.20 -20.50
N ASP B 39 -5.92 -31.08 -21.49
CA ASP B 39 -5.65 -30.74 -22.90
C ASP B 39 -4.49 -29.76 -23.06
N GLY B 40 -3.33 -30.14 -22.54
CA GLY B 40 -2.10 -29.42 -22.78
C GLY B 40 -1.50 -29.83 -24.11
N PRO B 41 -0.37 -29.19 -24.51
CA PRO B 41 0.35 -28.20 -23.71
C PRO B 41 -0.29 -26.81 -23.75
N TYR B 42 0.11 -25.95 -22.81
CA TYR B 42 -0.27 -24.54 -22.85
C TYR B 42 0.94 -23.74 -23.32
N THR B 43 0.80 -23.06 -24.46
CA THR B 43 1.94 -22.38 -25.08
C THR B 43 1.98 -20.87 -24.82
N ILE B 44 3.01 -20.44 -24.09
CA ILE B 44 3.28 -19.02 -23.87
C ILE B 44 4.49 -18.58 -24.69
N SER B 47 7.60 -19.96 -22.81
CA SER B 47 7.43 -21.11 -21.92
C SER B 47 6.30 -22.04 -22.37
N THR B 48 6.64 -23.24 -22.82
CA THR B 48 5.62 -24.26 -23.10
C THR B 48 5.60 -25.31 -21.98
N VAL B 49 4.42 -25.52 -21.40
CA VAL B 49 4.26 -26.31 -20.18
C VAL B 49 3.28 -27.48 -20.39
N TRP B 50 3.66 -28.68 -19.92
CA TRP B 50 2.85 -29.89 -20.07
C TRP B 50 2.31 -30.41 -18.73
N SER B 51 3.01 -30.10 -17.64
CA SER B 51 2.54 -30.37 -16.29
C SER B 51 3.28 -29.45 -15.32
N LEU B 52 2.70 -29.25 -14.14
CA LEU B 52 3.28 -28.29 -13.20
C LEU B 52 3.51 -28.86 -11.82
N GLN B 53 4.60 -28.43 -11.20
CA GLN B 53 4.86 -28.80 -9.81
C GLN B 53 4.70 -27.57 -8.93
N THR B 54 3.70 -27.60 -8.08
CA THR B 54 3.44 -26.46 -7.21
C THR B 54 4.08 -26.76 -5.85
N THR B 55 4.29 -25.71 -5.07
CA THR B 55 4.87 -25.86 -3.74
C THR B 55 3.93 -25.25 -2.72
N LEU B 56 3.56 -26.02 -1.70
CA LEU B 56 2.65 -25.55 -0.66
C LEU B 56 3.36 -25.37 0.67
N VAL B 57 2.92 -24.39 1.44
CA VAL B 57 3.48 -24.14 2.76
C VAL B 57 2.39 -24.16 3.82
N LYS B 58 2.60 -24.91 4.89
CA LYS B 58 1.67 -24.88 6.02
C LYS B 58 2.37 -24.27 7.24
N ILE B 59 1.81 -23.18 7.75
CA ILE B 59 2.33 -22.56 8.97
C ILE B 59 1.42 -23.00 10.10
N VAL B 60 2.01 -23.54 11.18
CA VAL B 60 1.22 -23.93 12.35
C VAL B 60 1.58 -23.07 13.56
N ALA B 61 0.57 -22.45 14.17
CA ALA B 61 0.81 -21.62 15.36
C ALA B 61 0.95 -22.44 16.64
N ASP B 62 1.37 -21.79 17.73
CA ASP B 62 1.39 -22.39 19.06
C ASP B 62 0.06 -23.07 19.39
N SER B 63 -1.02 -22.40 19.05
CA SER B 63 -2.37 -22.85 19.40
C SER B 63 -2.82 -24.02 18.55
N GLY B 64 -1.99 -24.39 17.57
CA GLY B 64 -2.35 -25.45 16.65
C GLY B 64 -3.12 -24.95 15.43
N LEU B 65 -3.45 -23.66 15.43
CA LEU B 65 -4.15 -23.07 14.28
C LEU B 65 -3.22 -23.04 13.07
N ALA B 66 -3.76 -23.30 11.88
CA ALA B 66 -2.91 -23.42 10.69
C ALA B 66 -3.32 -22.48 9.56
N GLY B 67 -2.34 -22.12 8.72
CA GLY B 67 -2.58 -21.28 7.56
C GLY B 67 -1.80 -21.82 6.36
N TRP B 68 -2.31 -21.60 5.15
CA TRP B 68 -1.75 -22.24 3.96
C TRP B 68 -1.32 -21.21 2.92
N GLY B 69 -0.21 -21.50 2.24
CA GLY B 69 0.28 -20.66 1.15
C GLY B 69 0.68 -21.55 -0.02
N GLU B 70 0.93 -20.94 -1.17
CA GLU B 70 1.25 -21.70 -2.37
C GLU B 70 2.04 -20.85 -3.33
N THR B 71 3.03 -21.46 -3.99
CA THR B 71 3.72 -20.80 -5.10
C THR B 71 4.04 -21.79 -6.21
N CYS B 72 3.79 -21.39 -7.46
CA CYS B 72 3.92 -22.31 -8.59
C CYS B 72 4.32 -21.60 -9.88
N PRO B 73 5.63 -21.48 -10.12
CA PRO B 73 6.16 -20.96 -11.39
C PRO B 73 5.59 -21.70 -12.62
N VAL B 74 5.35 -20.96 -13.70
CA VAL B 74 4.73 -21.51 -14.90
C VAL B 74 5.80 -22.02 -15.88
N GLY B 75 6.46 -23.10 -15.47
CA GLY B 75 7.67 -23.52 -16.15
C GLY B 75 8.84 -22.73 -15.61
N PRO B 76 10.08 -23.19 -15.87
CA PRO B 76 11.27 -22.52 -15.36
C PRO B 76 11.73 -21.33 -16.20
N THR B 77 11.17 -21.14 -17.40
CA THR B 77 11.65 -20.12 -18.33
C THR B 77 10.85 -18.82 -18.42
N TYR B 78 9.66 -18.77 -17.83
CA TYR B 78 8.79 -17.58 -17.92
C TYR B 78 9.27 -16.42 -17.04
N ALA B 79 9.78 -16.74 -15.86
CA ALA B 79 10.29 -15.76 -14.90
C ALA B 79 11.49 -16.37 -14.15
N PRO B 80 12.34 -15.52 -13.53
CA PRO B 80 13.48 -16.07 -12.77
C PRO B 80 13.04 -16.79 -11.49
N SER B 81 12.37 -17.93 -11.66
CA SER B 81 11.78 -18.67 -10.55
C SER B 81 11.46 -20.10 -11.01
N HIS B 82 11.59 -21.07 -10.10
CA HIS B 82 11.29 -22.47 -10.43
C HIS B 82 10.93 -23.28 -9.18
N ALA B 83 10.40 -24.50 -9.36
CA ALA B 83 9.87 -25.30 -8.25
C ALA B 83 10.95 -25.73 -7.25
N LEU B 84 12.05 -26.28 -7.76
CA LEU B 84 13.16 -26.66 -6.91
C LEU B 84 13.68 -25.42 -6.17
N GLY B 85 13.68 -24.29 -6.88
CA GLY B 85 14.10 -23.02 -6.32
C GLY B 85 13.22 -22.53 -5.18
N ALA B 86 11.89 -22.68 -5.32
CA ALA B 86 10.99 -22.25 -4.28
C ALA B 86 11.25 -23.02 -2.98
N ARG B 87 11.45 -24.33 -3.09
CA ARG B 87 11.65 -25.16 -1.91
C ARG B 87 13.00 -24.93 -1.23
N ALA B 88 14.03 -24.68 -2.03
CA ALA B 88 15.33 -24.32 -1.46
C ALA B 88 15.26 -22.98 -0.72
N ALA B 89 14.55 -22.01 -1.30
CA ALA B 89 14.41 -20.71 -0.69
C ALA B 89 13.61 -20.81 0.61
N LEU B 90 12.55 -21.61 0.60
CA LEU B 90 11.73 -21.80 1.79
C LEU B 90 12.49 -22.53 2.89
N ALA B 91 13.32 -23.50 2.51
CA ALA B 91 14.11 -24.22 3.52
C ALA B 91 15.19 -23.32 4.10
N GLU B 92 15.68 -22.39 3.29
CA GLU B 92 16.66 -21.42 3.74
C GLU B 92 16.09 -20.52 4.85
N MSE B 93 14.85 -20.06 4.67
CA MSE B 93 14.23 -19.09 5.58
C MSE B 93 13.52 -19.67 6.79
O MSE B 93 13.46 -19.04 7.85
CB MSE B 93 13.20 -18.23 4.81
CG MSE B 93 13.82 -17.39 3.73
SE MSE B 93 12.47 -16.22 2.90
CE MSE B 93 11.43 -17.55 1.90
N ALA B 94 12.96 -20.87 6.65
CA ALA B 94 12.07 -21.42 7.68
C ALA B 94 12.64 -21.52 9.11
N PRO B 95 13.91 -21.97 9.28
CA PRO B 95 14.36 -22.03 10.67
C PRO B 95 14.41 -20.65 11.34
N GLY B 96 14.67 -19.60 10.55
CA GLY B 96 14.72 -18.24 11.07
C GLY B 96 13.35 -17.63 11.32
N LEU B 97 12.30 -18.35 10.95
CA LEU B 97 10.94 -17.84 11.12
C LEU B 97 10.20 -18.49 12.29
N ILE B 98 10.77 -19.56 12.84
CA ILE B 98 10.16 -20.20 14.01
C ILE B 98 10.16 -19.20 15.16
N GLY B 99 9.00 -19.01 15.79
CA GLY B 99 8.89 -18.07 16.90
C GLY B 99 8.38 -16.70 16.51
N ALA B 100 8.27 -16.43 15.20
CA ALA B 100 7.79 -15.13 14.74
C ALA B 100 6.28 -15.01 14.90
N ASN B 101 5.79 -13.78 15.08
CA ASN B 101 4.36 -13.52 15.16
C ASN B 101 3.76 -13.48 13.76
N PRO B 102 2.84 -14.42 13.48
CA PRO B 102 2.28 -14.55 12.14
C PRO B 102 1.14 -13.56 11.88
N LEU B 103 0.79 -12.77 12.90
CA LEU B 103 -0.29 -11.78 12.76
C LEU B 103 0.24 -10.41 12.33
N GLN B 104 1.51 -10.34 11.97
CA GLN B 104 2.13 -9.06 11.59
C GLN B 104 2.86 -9.19 10.26
N PRO B 105 2.10 -9.03 9.16
CA PRO B 105 2.64 -9.34 7.83
C PRO B 105 3.82 -8.46 7.38
N LEU B 106 3.85 -7.19 7.78
CA LEU B 106 4.96 -6.33 7.41
C LEU B 106 6.23 -6.65 8.22
N VAL B 107 6.06 -6.84 9.53
CA VAL B 107 7.15 -7.25 10.39
C VAL B 107 7.70 -8.58 9.90
N LEU B 108 6.81 -9.49 9.53
CA LEU B 108 7.22 -10.80 9.01
C LEU B 108 8.00 -10.69 7.69
N ARG B 109 7.56 -9.82 6.78
CA ARG B 109 8.26 -9.61 5.52
C ARG B 109 9.68 -9.10 5.75
N ARG B 110 9.83 -8.14 6.66
CA ARG B 110 11.16 -7.65 6.99
C ARG B 110 12.04 -8.74 7.59
N ARG B 111 11.46 -9.61 8.40
CA ARG B 111 12.23 -10.69 8.99
C ARG B 111 12.74 -11.62 7.89
N MSE B 112 11.88 -11.90 6.91
CA MSE B 112 12.27 -12.71 5.76
C MSE B 112 13.40 -12.08 4.96
O MSE B 112 14.36 -12.76 4.61
CB MSE B 112 11.05 -12.97 4.87
CG MSE B 112 10.09 -14.00 5.46
SE MSE B 112 8.72 -14.60 4.17
CE MSE B 112 7.53 -13.06 4.21
N ASP B 113 13.30 -10.78 4.68
CA ASP B 113 14.35 -10.07 3.94
C ASP B 113 15.69 -10.15 4.66
N GLY B 114 15.64 -10.32 5.98
CA GLY B 114 16.86 -10.44 6.76
C GLY B 114 17.46 -11.83 6.69
N LEU B 115 16.72 -12.76 6.10
CA LEU B 115 17.20 -14.14 5.96
C LEU B 115 17.59 -14.48 4.52
N LEU B 116 16.98 -13.82 3.55
CA LEU B 116 17.23 -14.14 2.14
C LEU B 116 16.88 -12.96 1.25
N CYS B 117 17.81 -12.60 0.37
CA CYS B 117 17.56 -11.48 -0.53
C CYS B 117 16.76 -11.94 -1.75
N GLY B 118 15.80 -11.14 -2.19
CA GLY B 118 15.01 -11.45 -3.37
C GLY B 118 14.12 -12.65 -3.13
N HIS B 119 13.92 -13.48 -4.16
CA HIS B 119 13.07 -14.66 -4.04
C HIS B 119 11.65 -14.32 -3.60
N ASN B 120 11.10 -13.27 -4.16
CA ASN B 120 9.74 -12.86 -3.82
C ASN B 120 8.73 -14.00 -3.97
N TYR B 121 8.93 -14.84 -4.97
CA TYR B 121 7.96 -15.91 -5.25
C TYR B 121 7.88 -16.92 -4.10
N ALA B 122 8.97 -17.07 -3.37
CA ALA B 122 8.95 -17.97 -2.20
C ALA B 122 8.44 -17.24 -0.97
N LYS B 123 8.87 -15.99 -0.79
CA LYS B 123 8.38 -15.20 0.33
C LYS B 123 6.86 -15.06 0.28
N ALA B 124 6.30 -15.01 -0.93
CA ALA B 124 4.85 -14.88 -1.09
C ALA B 124 4.07 -16.07 -0.53
N ALA B 125 4.63 -17.27 -0.62
CA ALA B 125 3.97 -18.44 -0.02
C ALA B 125 3.80 -18.29 1.49
N ILE B 126 4.83 -17.74 2.15
CA ILE B 126 4.78 -17.52 3.60
C ILE B 126 3.79 -16.41 3.95
N ASP B 127 3.86 -15.30 3.20
CA ASP B 127 2.96 -14.15 3.37
C ASP B 127 1.51 -14.59 3.24
N ILE B 128 1.20 -15.40 2.24
CA ILE B 128 -0.18 -15.86 2.06
C ILE B 128 -0.63 -16.73 3.24
N ALA B 129 0.22 -17.66 3.65
CA ALA B 129 -0.10 -18.53 4.78
C ALA B 129 -0.36 -17.72 6.04
N ALA B 130 0.37 -16.62 6.21
CA ALA B 130 0.19 -15.77 7.38
C ALA B 130 -1.14 -15.01 7.36
N TYR B 131 -1.55 -14.50 6.20
CA TYR B 131 -2.87 -13.85 6.11
C TYR B 131 -4.00 -14.85 6.33
N ASP B 132 -3.84 -16.07 5.81
CA ASP B 132 -4.84 -17.13 6.00
C ASP B 132 -5.02 -17.35 7.49
N LEU B 133 -3.90 -17.51 8.18
CA LEU B 133 -3.89 -17.71 9.63
C LEU B 133 -4.50 -16.52 10.40
N MSE B 134 -4.20 -15.29 9.96
CA MSE B 134 -4.77 -14.09 10.59
C MSE B 134 -6.29 -14.07 10.46
O MSE B 134 -6.99 -13.73 11.41
CB MSE B 134 -4.28 -12.82 9.88
CG MSE B 134 -2.93 -12.30 10.25
SE MSE B 134 -2.68 -10.56 9.35
CE MSE B 134 -3.95 -9.54 10.40
N GLY B 135 -6.78 -14.36 9.26
CA GLY B 135 -8.21 -14.31 9.00
C GLY B 135 -8.94 -15.34 9.84
N LYS B 136 -8.37 -16.53 9.98
CA LYS B 136 -9.00 -17.57 10.79
C LYS B 136 -9.00 -17.17 12.25
N HIS B 137 -7.91 -16.54 12.67
CA HIS B 137 -7.77 -16.15 14.07
C HIS B 137 -8.76 -15.06 14.50
N TYR B 138 -8.92 -14.05 13.66
CA TYR B 138 -9.81 -12.93 13.95
C TYR B 138 -11.24 -13.20 13.48
N GLY B 139 -11.39 -14.22 12.63
CA GLY B 139 -12.71 -14.57 12.12
C GLY B 139 -13.15 -13.63 11.00
N VAL B 140 -12.26 -13.40 10.05
CA VAL B 140 -12.48 -12.39 9.02
C VAL B 140 -11.92 -12.87 7.69
N ARG B 141 -12.53 -12.46 6.58
CA ARG B 141 -12.01 -12.85 5.27
C ARG B 141 -10.77 -12.06 4.96
N VAL B 142 -9.84 -12.68 4.25
CA VAL B 142 -8.59 -12.01 3.91
C VAL B 142 -8.83 -10.69 3.17
N ALA B 143 -9.84 -10.65 2.31
CA ALA B 143 -10.13 -9.40 1.59
C ALA B 143 -10.47 -8.25 2.55
N ASP B 144 -11.11 -8.58 3.67
CA ASP B 144 -11.46 -7.55 4.65
C ASP B 144 -10.26 -7.12 5.52
N LEU B 145 -9.19 -7.91 5.50
CA LEU B 145 -7.94 -7.50 6.13
C LEU B 145 -7.12 -6.62 5.19
N LEU B 146 -7.53 -6.57 3.92
CA LEU B 146 -6.78 -5.82 2.91
C LEU B 146 -7.50 -4.56 2.50
N GLY B 147 -8.51 -4.17 3.28
CA GLY B 147 -9.19 -2.91 3.00
C GLY B 147 -10.66 -3.09 2.79
N GLY B 148 -11.09 -4.33 2.49
CA GLY B 148 -12.51 -4.60 2.41
C GLY B 148 -13.03 -5.08 1.07
N VAL B 149 -14.06 -5.92 1.11
CA VAL B 149 -14.67 -6.46 -0.10
C VAL B 149 -15.41 -5.39 -0.89
N ALA B 150 -14.90 -5.05 -2.08
CA ALA B 150 -15.59 -4.11 -2.95
C ALA B 150 -16.58 -4.81 -3.86
N ALA B 151 -16.35 -6.09 -4.12
CA ALA B 151 -17.24 -6.90 -4.95
C ALA B 151 -17.16 -8.38 -4.58
N GLU B 152 -18.31 -9.00 -4.32
CA GLU B 152 -18.37 -10.42 -3.96
C GLU B 152 -18.04 -11.31 -5.14
N ARG B 153 -18.34 -10.84 -6.34
CA ARG B 153 -18.05 -11.60 -7.55
C ARG B 153 -17.03 -10.83 -8.39
N VAL B 154 -15.90 -11.46 -8.70
CA VAL B 154 -14.83 -10.73 -9.39
C VAL B 154 -14.73 -11.18 -10.86
N PRO B 155 -14.46 -10.22 -11.76
CA PRO B 155 -14.34 -10.63 -13.17
C PRO B 155 -13.08 -11.45 -13.37
N SER B 156 -13.12 -12.35 -14.34
CA SER B 156 -11.92 -13.08 -14.75
C SER B 156 -11.64 -12.73 -16.20
N TYR B 157 -10.57 -13.30 -16.75
CA TYR B 157 -10.32 -13.16 -18.18
C TYR B 157 -9.72 -14.47 -18.71
N TYR B 158 -9.92 -14.73 -20.01
CA TYR B 158 -9.44 -15.95 -20.60
C TYR B 158 -8.21 -15.66 -21.43
N ALA B 159 -7.15 -16.44 -21.21
CA ALA B 159 -5.91 -16.29 -21.95
C ALA B 159 -5.80 -17.43 -22.96
N THR B 160 -5.85 -17.11 -24.25
CA THR B 160 -5.71 -18.13 -25.29
C THR B 160 -4.25 -18.55 -25.39
N GLY B 161 -4.00 -19.77 -25.85
CA GLY B 161 -2.63 -20.17 -26.11
C GLY B 161 -2.23 -19.63 -27.47
N ILE B 162 -0.97 -19.80 -27.85
CA ILE B 162 -0.56 -19.53 -29.22
C ILE B 162 -1.07 -20.68 -30.08
N GLY B 163 -1.61 -20.37 -31.26
CA GLY B 163 -2.14 -21.39 -32.15
C GLY B 163 -2.51 -20.78 -33.50
N GLN B 164 -3.21 -21.56 -34.32
N GLN B 164 -3.22 -21.54 -34.32
CA GLN B 164 -3.65 -21.08 -35.64
CA GLN B 164 -3.63 -21.10 -35.65
C GLN B 164 -4.68 -19.96 -35.51
C GLN B 164 -4.69 -19.99 -35.54
N PRO B 165 -4.55 -18.92 -36.34
CA PRO B 165 -5.45 -17.75 -36.28
C PRO B 165 -6.94 -18.09 -36.23
N ASP B 166 -7.42 -18.95 -37.12
CA ASP B 166 -8.84 -19.31 -37.16
C ASP B 166 -9.29 -20.05 -35.91
N GLU B 167 -8.39 -20.82 -35.33
CA GLU B 167 -8.75 -21.64 -34.17
C GLU B 167 -8.79 -20.79 -32.91
N ILE B 168 -7.88 -19.82 -32.83
CA ILE B 168 -7.87 -18.91 -31.69
C ILE B 168 -9.11 -18.03 -31.73
N ALA B 169 -9.50 -17.60 -32.94
CA ALA B 169 -10.74 -16.84 -33.13
C ALA B 169 -11.97 -17.63 -32.71
N ARG B 170 -12.01 -18.93 -33.03
CA ARG B 170 -13.12 -19.79 -32.62
C ARG B 170 -13.21 -19.90 -31.11
N ILE B 171 -12.06 -20.09 -30.47
CA ILE B 171 -12.01 -20.21 -29.01
C ILE B 171 -12.44 -18.90 -28.35
N ALA B 172 -11.99 -17.78 -28.90
CA ALA B 172 -12.33 -16.46 -28.38
C ALA B 172 -13.84 -16.27 -28.36
N ALA B 173 -14.49 -16.56 -29.48
CA ALA B 173 -15.94 -16.45 -29.57
C ALA B 173 -16.63 -17.33 -28.54
N GLU B 174 -16.10 -18.52 -28.32
CA GLU B 174 -16.73 -19.49 -27.42
C GLU B 174 -16.63 -19.01 -25.96
N LYS B 175 -15.49 -18.39 -25.63
CA LYS B 175 -15.25 -17.89 -24.27
C LYS B 175 -16.06 -16.64 -23.97
N VAL B 176 -16.24 -15.78 -24.97
CA VAL B 176 -17.15 -14.65 -24.83
C VAL B 176 -18.58 -15.16 -24.57
N ALA B 177 -18.97 -16.19 -25.29
CA ALA B 177 -20.28 -16.80 -25.07
C ALA B 177 -20.41 -17.39 -23.66
N GLU B 178 -19.30 -17.79 -23.06
CA GLU B 178 -19.32 -18.33 -21.71
C GLU B 178 -19.49 -17.23 -20.68
N GLY B 179 -19.21 -15.99 -21.10
CA GLY B 179 -19.37 -14.86 -20.20
C GLY B 179 -18.10 -14.14 -19.80
N PHE B 180 -16.95 -14.56 -20.32
CA PHE B 180 -15.71 -13.82 -20.06
C PHE B 180 -15.81 -12.37 -20.57
N PRO B 181 -15.54 -11.38 -19.68
CA PRO B 181 -15.64 -9.97 -20.06
C PRO B 181 -14.38 -9.45 -20.72
N ARG B 182 -13.31 -10.25 -20.67
CA ARG B 182 -12.03 -9.84 -21.25
C ARG B 182 -11.27 -11.06 -21.77
N LEU B 183 -10.53 -10.89 -22.87
CA LEU B 183 -9.70 -11.95 -23.43
C LEU B 183 -8.27 -11.47 -23.58
N GLN B 184 -7.31 -12.35 -23.32
CA GLN B 184 -5.91 -12.05 -23.55
C GLN B 184 -5.38 -12.98 -24.63
N ILE B 185 -4.93 -12.41 -25.75
CA ILE B 185 -4.40 -13.20 -26.87
C ILE B 185 -2.88 -13.27 -26.79
N LYS B 186 -2.33 -14.47 -26.57
CA LYS B 186 -0.89 -14.61 -26.52
C LYS B 186 -0.29 -14.68 -27.93
N ILE B 187 0.77 -13.91 -28.16
CA ILE B 187 1.42 -13.90 -29.47
C ILE B 187 2.95 -14.02 -29.33
N GLY B 188 3.65 -14.09 -30.46
CA GLY B 188 5.10 -14.05 -30.45
C GLY B 188 5.77 -15.39 -30.72
N GLY B 189 7.08 -15.36 -30.95
CA GLY B 189 7.83 -16.60 -31.16
C GLY B 189 7.66 -17.14 -32.57
N ARG B 190 7.13 -16.30 -33.46
CA ARG B 190 6.89 -16.67 -34.86
C ARG B 190 6.76 -15.36 -35.63
N PRO B 191 6.70 -15.40 -36.98
CA PRO B 191 6.63 -14.13 -37.71
C PRO B 191 5.41 -13.29 -37.29
N VAL B 192 5.60 -11.98 -37.12
CA VAL B 192 4.53 -11.15 -36.55
C VAL B 192 3.29 -11.05 -37.46
N GLU B 193 3.45 -11.35 -38.76
CA GLU B 193 2.29 -11.38 -39.67
C GLU B 193 1.23 -12.35 -39.17
N ILE B 194 1.68 -13.44 -38.54
CA ILE B 194 0.74 -14.45 -38.06
C ILE B 194 0.03 -13.94 -36.81
N ASP B 195 0.79 -13.25 -35.95
CA ASP B 195 0.20 -12.63 -34.76
C ASP B 195 -0.84 -11.59 -35.16
N ILE B 196 -0.51 -10.81 -36.19
CA ILE B 196 -1.42 -9.77 -36.66
C ILE B 196 -2.70 -10.36 -37.25
N GLU B 197 -2.56 -11.43 -38.02
CA GLU B 197 -3.73 -12.13 -38.55
C GLU B 197 -4.61 -12.68 -37.43
N THR B 198 -3.98 -13.20 -36.36
CA THR B 198 -4.73 -13.73 -35.22
C THR B 198 -5.57 -12.64 -34.56
N VAL B 199 -4.93 -11.50 -34.31
CA VAL B 199 -5.60 -10.38 -33.67
C VAL B 199 -6.80 -9.90 -34.49
N ARG B 200 -6.61 -9.76 -35.81
CA ARG B 200 -7.71 -9.36 -36.67
C ARG B 200 -8.88 -10.35 -36.73
N LYS B 201 -8.58 -11.65 -36.78
CA LYS B 201 -9.64 -12.65 -36.83
C LYS B 201 -10.39 -12.78 -35.51
N VAL B 202 -9.68 -12.59 -34.39
CA VAL B 202 -10.32 -12.57 -33.09
C VAL B 202 -11.25 -11.36 -32.99
N TRP B 203 -10.75 -10.19 -33.38
CA TRP B 203 -11.56 -8.97 -33.31
C TRP B 203 -12.83 -9.12 -34.15
N GLU B 204 -12.70 -9.72 -35.32
CA GLU B 204 -13.85 -9.94 -36.19
C GLU B 204 -14.94 -10.75 -35.49
N ARG B 205 -14.56 -11.69 -34.62
CA ARG B 205 -15.54 -12.53 -33.94
C ARG B 205 -16.13 -11.88 -32.70
N ILE B 206 -15.40 -10.98 -32.05
CA ILE B 206 -15.87 -10.42 -30.77
C ILE B 206 -16.27 -8.93 -30.80
N ARG B 207 -16.03 -8.25 -31.91
CA ARG B 207 -16.40 -6.83 -32.00
C ARG B 207 -17.89 -6.65 -31.74
N GLY B 208 -18.24 -5.61 -30.99
CA GLY B 208 -19.65 -5.36 -30.67
C GLY B 208 -20.24 -6.24 -29.57
N THR B 209 -19.38 -6.90 -28.79
CA THR B 209 -19.87 -7.69 -27.65
C THR B 209 -19.48 -7.00 -26.35
N GLY B 210 -18.76 -5.88 -26.47
CA GLY B 210 -18.23 -5.19 -25.30
C GLY B 210 -17.09 -5.91 -24.59
N THR B 211 -16.56 -6.97 -25.19
CA THR B 211 -15.45 -7.70 -24.58
C THR B 211 -14.17 -6.89 -24.71
N ARG B 212 -13.41 -6.76 -23.62
CA ARG B 212 -12.10 -6.10 -23.68
C ARG B 212 -10.99 -7.03 -24.23
N LEU B 213 -10.01 -6.44 -24.90
CA LEU B 213 -8.99 -7.23 -25.56
C LEU B 213 -7.61 -6.81 -25.09
N ALA B 214 -6.79 -7.79 -24.73
CA ALA B 214 -5.37 -7.58 -24.47
C ALA B 214 -4.58 -8.48 -25.41
N VAL B 215 -3.41 -8.00 -25.85
CA VAL B 215 -2.51 -8.82 -26.66
C VAL B 215 -1.21 -8.92 -25.89
N ASP B 216 -0.82 -10.14 -25.52
CA ASP B 216 0.34 -10.36 -24.67
C ASP B 216 1.52 -10.87 -25.49
N GLY B 217 2.55 -10.04 -25.60
CA GLY B 217 3.75 -10.41 -26.33
C GLY B 217 4.69 -11.30 -25.53
N ASN B 218 4.40 -11.42 -24.23
CA ASN B 218 5.26 -12.21 -23.31
C ASN B 218 6.77 -12.03 -23.52
N ARG B 219 7.19 -10.77 -23.58
CA ARG B 219 8.61 -10.41 -23.70
C ARG B 219 9.27 -10.81 -25.02
N SER B 220 8.49 -11.20 -26.02
CA SER B 220 9.11 -11.84 -27.18
C SER B 220 9.24 -10.97 -28.44
N LEU B 221 8.69 -9.76 -28.41
CA LEU B 221 8.70 -8.92 -29.62
C LEU B 221 9.85 -7.93 -29.62
N PRO B 222 10.65 -7.92 -30.71
CA PRO B 222 11.58 -6.80 -30.81
C PRO B 222 10.75 -5.54 -31.03
N SER B 223 11.31 -4.38 -30.72
CA SER B 223 10.56 -3.13 -30.89
C SER B 223 10.04 -2.97 -32.32
N ARG B 224 10.83 -3.39 -33.31
CA ARG B 224 10.39 -3.41 -34.71
C ARG B 224 8.98 -3.97 -34.87
N ASP B 225 8.70 -5.09 -34.20
CA ASP B 225 7.44 -5.79 -34.40
C ASP B 225 6.34 -5.22 -33.54
N ALA B 226 6.69 -4.73 -32.34
CA ALA B 226 5.66 -4.10 -31.50
C ALA B 226 5.13 -2.82 -32.17
N LEU B 227 6.04 -2.04 -32.75
CA LEU B 227 5.63 -0.84 -33.53
C LEU B 227 4.70 -1.19 -34.68
N ARG B 228 5.05 -2.23 -35.44
CA ARG B 228 4.21 -2.65 -36.57
C ARG B 228 2.82 -3.10 -36.15
N LEU B 229 2.76 -3.90 -35.07
CA LEU B 229 1.46 -4.40 -34.58
C LEU B 229 0.52 -3.25 -34.25
N SER B 230 1.01 -2.25 -33.53
CA SER B 230 0.17 -1.11 -33.16
C SER B 230 -0.14 -0.20 -34.35
N ARG B 231 0.86 0.07 -35.17
CA ARG B 231 0.71 0.95 -36.33
C ARG B 231 -0.32 0.42 -37.33
N GLU B 232 -0.35 -0.90 -37.51
CA GLU B 232 -1.25 -1.52 -38.50
C GLU B 232 -2.70 -1.66 -38.02
N CYS B 233 -2.93 -1.59 -36.72
CA CYS B 233 -4.26 -1.87 -36.18
C CYS B 233 -4.87 -0.78 -35.29
N PRO B 234 -4.91 0.49 -35.76
CA PRO B 234 -5.43 1.52 -34.84
C PRO B 234 -6.89 1.29 -34.45
N GLU B 235 -7.63 0.59 -35.32
CA GLU B 235 -9.07 0.42 -35.13
C GLU B 235 -9.43 -0.78 -34.26
N ILE B 236 -8.42 -1.53 -33.82
CA ILE B 236 -8.63 -2.66 -32.92
C ILE B 236 -8.20 -2.28 -31.50
N PRO B 237 -9.14 -2.30 -30.55
CA PRO B 237 -8.90 -1.70 -29.23
C PRO B 237 -8.20 -2.61 -28.22
N PHE B 238 -7.05 -3.16 -28.57
CA PHE B 238 -6.29 -3.94 -27.60
C PHE B 238 -5.39 -3.05 -26.75
N VAL B 239 -4.99 -3.55 -25.59
CA VAL B 239 -3.80 -3.02 -24.95
C VAL B 239 -2.67 -4.00 -25.24
N LEU B 240 -1.46 -3.45 -25.38
CA LEU B 240 -0.31 -4.26 -25.67
C LEU B 240 0.37 -4.62 -24.35
N GLU B 241 0.30 -5.88 -23.95
CA GLU B 241 0.84 -6.29 -22.65
C GLU B 241 2.26 -6.84 -22.79
N GLN B 242 3.17 -6.32 -21.96
CA GLN B 242 4.59 -6.70 -21.98
C GLN B 242 5.11 -7.11 -23.38
N PRO B 243 5.01 -6.20 -24.36
CA PRO B 243 5.38 -6.63 -25.71
C PRO B 243 6.88 -6.94 -25.83
N CYS B 244 7.71 -6.16 -25.15
CA CYS B 244 9.16 -6.37 -25.26
C CYS B 244 9.75 -6.93 -23.96
N ASN B 245 10.97 -7.45 -24.06
CA ASN B 245 11.63 -8.13 -22.93
C ASN B 245 11.92 -7.22 -21.73
N THR B 246 12.43 -6.02 -21.99
CA THR B 246 12.86 -5.14 -20.90
C THR B 246 12.03 -3.87 -20.78
N LEU B 247 11.99 -3.31 -19.56
CA LEU B 247 11.30 -2.03 -19.35
C LEU B 247 11.98 -0.94 -20.16
N GLU B 248 13.29 -1.07 -20.37
CA GLU B 248 14.03 -0.09 -21.16
C GLU B 248 13.53 -0.04 -22.61
N GLU B 249 13.26 -1.21 -23.19
CA GLU B 249 12.74 -1.27 -24.56
C GLU B 249 11.35 -0.67 -24.62
N ILE B 250 10.52 -1.02 -23.64
CA ILE B 250 9.16 -0.50 -23.57
C ILE B 250 9.15 1.04 -23.45
N ALA B 251 10.02 1.59 -22.61
CA ALA B 251 10.11 3.03 -22.45
C ALA B 251 10.50 3.74 -23.75
N ALA B 252 11.24 3.04 -24.59
CA ALA B 252 11.73 3.62 -25.83
C ALA B 252 10.68 3.66 -26.94
N ILE B 253 9.74 2.73 -26.93
CA ILE B 253 8.73 2.68 -28.00
C ILE B 253 7.43 3.36 -27.62
N ARG B 254 7.26 3.60 -26.32
CA ARG B 254 5.99 4.10 -25.76
C ARG B 254 5.44 5.32 -26.51
N GLY B 255 6.30 6.30 -26.76
CA GLY B 255 5.88 7.53 -27.41
C GLY B 255 5.39 7.34 -28.83
N ARG B 256 5.76 6.20 -29.44
CA ARG B 256 5.46 5.92 -30.84
C ARG B 256 4.34 4.91 -31.00
N VAL B 257 3.76 4.50 -29.87
CA VAL B 257 2.71 3.48 -29.87
C VAL B 257 1.39 4.08 -29.36
N GLN B 258 0.35 4.07 -30.19
CA GLN B 258 -0.90 4.73 -29.83
C GLN B 258 -1.91 3.85 -29.10
N HIS B 259 -1.59 2.56 -28.93
CA HIS B 259 -2.36 1.68 -28.05
C HIS B 259 -1.78 1.73 -26.64
N GLY B 260 -2.62 1.57 -25.63
CA GLY B 260 -2.13 1.47 -24.26
C GLY B 260 -1.15 0.32 -24.08
N ILE B 261 -0.16 0.51 -23.22
CA ILE B 261 0.84 -0.52 -22.97
C ILE B 261 0.79 -0.90 -21.50
N TYR B 262 0.65 -2.19 -21.21
CA TYR B 262 0.67 -2.70 -19.83
C TYR B 262 1.99 -3.40 -19.54
N LEU B 263 2.47 -3.28 -18.31
CA LEU B 263 3.63 -4.06 -17.87
C LEU B 263 3.17 -5.33 -17.16
N ASP B 264 3.90 -6.43 -17.36
CA ASP B 264 3.61 -7.65 -16.61
C ASP B 264 4.91 -8.10 -15.98
N GLU B 265 5.68 -8.90 -16.71
CA GLU B 265 6.93 -9.46 -16.17
C GLU B 265 7.91 -8.38 -15.65
N SER B 266 7.88 -7.20 -16.27
CA SER B 266 8.78 -6.11 -15.85
C SER B 266 8.44 -5.57 -14.46
N GLY B 267 7.18 -5.75 -14.04
CA GLY B 267 6.76 -5.28 -12.71
C GLY B 267 7.29 -6.15 -11.58
N GLU B 268 8.60 -6.14 -11.38
CA GLU B 268 9.25 -7.10 -10.48
C GLU B 268 9.13 -6.78 -9.00
N ASP B 269 8.95 -5.51 -8.67
CA ASP B 269 8.86 -5.12 -7.26
C ASP B 269 8.17 -3.78 -7.12
N LEU B 270 7.90 -3.38 -5.88
CA LEU B 270 7.14 -2.13 -5.67
C LEU B 270 7.96 -0.94 -6.17
N SER B 271 9.28 -0.98 -5.96
CA SER B 271 10.14 0.10 -6.45
C SER B 271 10.00 0.33 -7.96
N THR B 272 9.90 -0.75 -8.72
CA THR B 272 9.75 -0.60 -10.17
C THR B 272 8.38 -0.07 -10.55
N VAL B 273 7.36 -0.49 -9.82
CA VAL B 273 6.01 0.03 -10.06
C VAL B 273 5.98 1.55 -9.81
N ILE B 274 6.64 1.99 -8.75
CA ILE B 274 6.75 3.41 -8.45
C ILE B 274 7.44 4.18 -9.59
N ARG B 275 8.52 3.60 -10.15
CA ARG B 275 9.16 4.19 -11.30
C ARG B 275 8.21 4.31 -12.49
N ALA B 276 7.54 3.21 -12.83
CA ALA B 276 6.66 3.19 -14.01
C ALA B 276 5.45 4.12 -13.85
N ALA B 277 4.85 4.14 -12.66
CA ALA B 277 3.70 5.02 -12.40
C ALA B 277 4.11 6.49 -12.40
N GLY B 278 5.18 6.79 -11.67
CA GLY B 278 5.61 8.16 -11.46
C GLY B 278 6.23 8.85 -12.66
N GLN B 279 6.78 8.05 -13.57
CA GLN B 279 7.39 8.59 -14.79
C GLN B 279 6.47 8.37 -15.99
N GLY B 280 5.30 7.78 -15.75
CA GLY B 280 4.32 7.58 -16.82
C GLY B 280 4.76 6.61 -17.90
N LEU B 281 5.36 5.49 -17.50
CA LEU B 281 5.92 4.56 -18.47
C LEU B 281 4.93 3.52 -18.99
N CYS B 282 3.76 3.41 -18.36
CA CYS B 282 2.77 2.44 -18.83
C CYS B 282 1.36 2.90 -18.53
N ASP B 283 0.39 2.18 -19.07
CA ASP B 283 -1.03 2.54 -18.89
C ASP B 283 -1.78 1.53 -18.04
N GLY B 284 -1.07 0.55 -17.50
CA GLY B 284 -1.73 -0.46 -16.67
C GLY B 284 -0.76 -1.59 -16.35
N PHE B 285 -1.25 -2.64 -15.67
CA PHE B 285 -0.40 -3.75 -15.26
C PHE B 285 -1.13 -5.08 -15.34
N GLY B 286 -0.42 -6.13 -15.73
CA GLY B 286 -0.84 -7.48 -15.40
C GLY B 286 0.05 -7.88 -14.23
N MSE B 287 -0.48 -7.91 -13.01
CA MSE B 287 0.39 -8.12 -11.86
C MSE B 287 0.24 -9.50 -11.23
O MSE B 287 -0.89 -9.95 -10.96
CB MSE B 287 0.16 -7.04 -10.81
CG MSE B 287 1.04 -7.22 -9.57
SE MSE B 287 2.98 -7.26 -10.01
CE MSE B 287 3.23 -5.34 -10.38
N LYS B 288 1.36 -10.18 -11.01
CA LYS B 288 1.33 -11.50 -10.36
C LYS B 288 1.72 -11.39 -8.89
N LEU B 289 0.87 -11.97 -8.06
CA LEU B 289 1.00 -11.88 -6.62
C LEU B 289 2.34 -12.42 -6.11
N THR B 290 2.75 -13.59 -6.61
CA THR B 290 4.04 -14.15 -6.20
C THR B 290 5.22 -13.28 -6.60
N ARG B 291 5.15 -12.66 -7.78
CA ARG B 291 6.25 -11.80 -8.23
C ARG B 291 6.48 -10.58 -7.33
N ILE B 292 5.41 -9.94 -6.86
CA ILE B 292 5.54 -8.73 -6.04
C ILE B 292 5.92 -9.09 -4.60
N GLY B 293 5.71 -10.34 -4.20
CA GLY B 293 6.16 -10.79 -2.89
C GLY B 293 5.06 -11.08 -1.89
N GLY B 294 3.80 -11.08 -2.32
CA GLY B 294 2.74 -11.45 -1.42
C GLY B 294 1.69 -10.37 -1.26
N LEU B 295 0.74 -10.59 -0.35
CA LEU B 295 -0.43 -9.72 -0.25
C LEU B 295 -0.14 -8.37 0.38
N GLN B 296 0.82 -8.31 1.29
CA GLN B 296 1.20 -7.03 1.91
C GLN B 296 1.66 -6.03 0.84
N GLN B 297 2.50 -6.51 -0.07
CA GLN B 297 3.02 -5.67 -1.13
C GLN B 297 1.97 -5.44 -2.22
N MSE B 298 1.13 -6.44 -2.45
CA MSE B 298 0.11 -6.36 -3.47
C MSE B 298 -0.92 -5.29 -3.12
O MSE B 298 -1.44 -4.59 -4.00
CB MSE B 298 -0.58 -7.73 -3.64
CG MSE B 298 -1.48 -7.83 -4.84
SE MSE B 298 -0.47 -7.98 -6.52
CE MSE B 298 -2.01 -7.80 -7.73
N ALA B 299 -1.20 -5.13 -1.82
CA ALA B 299 -2.16 -4.11 -1.39
C ALA B 299 -1.62 -2.71 -1.66
N ALA B 300 -0.32 -2.54 -1.43
CA ALA B 300 0.35 -1.27 -1.74
C ALA B 300 0.36 -1.01 -3.25
N PHE B 301 0.68 -2.05 -4.00
CA PHE B 301 0.60 -1.95 -5.46
C PHE B 301 -0.80 -1.47 -5.91
N ARG B 302 -1.84 -2.10 -5.36
CA ARG B 302 -3.23 -1.74 -5.68
C ARG B 302 -3.50 -0.25 -5.40
N ASP B 303 -3.02 0.23 -4.26
CA ASP B 303 -3.23 1.63 -3.89
C ASP B 303 -2.51 2.62 -4.81
N ILE B 304 -1.32 2.25 -5.29
CA ILE B 304 -0.61 3.09 -6.25
C ILE B 304 -1.39 3.19 -7.55
N CYS B 305 -1.84 2.05 -8.06
CA CYS B 305 -2.64 2.03 -9.28
C CYS B 305 -3.93 2.84 -9.15
N GLU B 306 -4.61 2.72 -8.02
CA GLU B 306 -5.89 3.42 -7.82
C GLU B 306 -5.67 4.92 -7.80
N ALA B 307 -4.58 5.36 -7.19
CA ALA B 307 -4.27 6.79 -7.14
C ALA B 307 -4.02 7.38 -8.52
N ARG B 308 -3.59 6.53 -9.45
CA ARG B 308 -3.24 6.98 -10.80
C ARG B 308 -4.21 6.50 -11.87
N ALA B 309 -5.31 5.88 -11.46
CA ALA B 309 -6.28 5.30 -12.41
C ALA B 309 -5.62 4.37 -13.44
N LEU B 310 -4.76 3.49 -12.95
CA LEU B 310 -4.09 2.53 -13.83
C LEU B 310 -4.81 1.19 -13.65
N PRO B 311 -5.49 0.70 -14.70
CA PRO B 311 -6.18 -0.57 -14.53
C PRO B 311 -5.18 -1.71 -14.35
N HIS B 312 -5.58 -2.74 -13.61
CA HIS B 312 -4.68 -3.88 -13.45
C HIS B 312 -5.42 -5.17 -13.15
N SER B 313 -4.79 -6.28 -13.49
CA SER B 313 -5.32 -7.58 -13.13
C SER B 313 -4.61 -8.07 -11.87
N CYS B 314 -5.19 -9.07 -11.20
CA CYS B 314 -4.56 -9.68 -10.02
C CYS B 314 -4.45 -11.16 -10.33
N ASP B 315 -3.28 -11.59 -10.73
CA ASP B 315 -3.11 -12.92 -11.27
C ASP B 315 -2.03 -13.71 -10.55
N ASP B 316 -1.87 -14.96 -10.95
CA ASP B 316 -0.59 -15.61 -10.77
C ASP B 316 -0.21 -16.42 -11.98
N ALA B 317 0.99 -16.99 -11.93
CA ALA B 317 1.51 -17.77 -13.05
C ALA B 317 0.72 -19.06 -13.20
N TRP B 318 0.32 -19.65 -12.06
CA TRP B 318 -0.36 -20.95 -12.04
C TRP B 318 -0.61 -21.38 -10.60
N GLY B 319 -1.34 -22.48 -10.44
CA GLY B 319 -1.47 -23.12 -9.14
C GLY B 319 -2.92 -23.42 -8.79
N GLY B 320 -3.12 -24.15 -7.69
CA GLY B 320 -4.45 -24.60 -7.30
C GLY B 320 -5.19 -23.64 -6.40
N ASP B 321 -6.04 -24.20 -5.53
CA ASP B 321 -6.99 -23.43 -4.72
C ASP B 321 -6.38 -22.39 -3.80
N ILE B 322 -5.21 -22.69 -3.24
CA ILE B 322 -4.61 -21.75 -2.29
C ILE B 322 -4.18 -20.43 -2.96
N ILE B 323 -3.33 -20.49 -3.97
CA ILE B 323 -2.89 -19.24 -4.64
C ILE B 323 -4.05 -18.56 -5.37
N ALA B 324 -4.95 -19.37 -5.93
CA ALA B 324 -6.12 -18.82 -6.61
C ALA B 324 -7.02 -18.03 -5.65
N ALA B 325 -7.21 -18.56 -4.44
CA ALA B 325 -8.04 -17.82 -3.47
C ALA B 325 -7.36 -16.52 -3.03
N ALA B 326 -6.04 -16.57 -2.88
CA ALA B 326 -5.28 -15.38 -2.50
C ALA B 326 -5.43 -14.29 -3.56
N CYS B 327 -5.36 -14.67 -4.84
CA CYS B 327 -5.53 -13.69 -5.93
C CYS B 327 -6.96 -13.15 -5.97
N THR B 328 -7.92 -14.02 -5.67
CA THR B 328 -9.33 -13.63 -5.68
C THR B 328 -9.62 -12.66 -4.53
N HIS B 329 -9.05 -12.91 -3.36
CA HIS B 329 -9.25 -12.01 -2.24
C HIS B 329 -8.71 -10.59 -2.51
N ILE B 330 -7.50 -10.47 -3.04
CA ILE B 330 -7.00 -9.13 -3.35
C ILE B 330 -7.81 -8.51 -4.52
N GLY B 331 -8.20 -9.34 -5.48
CA GLY B 331 -9.02 -8.89 -6.61
C GLY B 331 -10.36 -8.31 -6.18
N ALA B 332 -10.93 -8.88 -5.12
CA ALA B 332 -12.22 -8.41 -4.60
C ALA B 332 -12.15 -7.03 -3.95
N THR B 333 -10.94 -6.56 -3.64
CA THR B 333 -10.77 -5.23 -3.04
C THR B 333 -10.53 -4.12 -4.06
N VAL B 334 -10.35 -4.51 -5.33
CA VAL B 334 -9.99 -3.53 -6.37
C VAL B 334 -11.21 -2.73 -6.81
N GLN B 335 -11.02 -1.44 -7.05
CA GLN B 335 -12.10 -0.59 -7.57
C GLN B 335 -12.60 -1.21 -8.87
N PRO B 336 -13.91 -1.47 -8.94
CA PRO B 336 -14.45 -2.22 -10.09
C PRO B 336 -14.08 -1.65 -11.46
N ARG B 337 -14.03 -0.33 -11.60
CA ARG B 337 -13.74 0.23 -12.91
C ARG B 337 -12.28 0.01 -13.32
N LEU B 338 -11.43 -0.32 -12.35
CA LEU B 338 -10.01 -0.53 -12.63
C LEU B 338 -9.64 -2.02 -12.67
N ASN B 339 -10.61 -2.88 -12.42
CA ASN B 339 -10.33 -4.32 -12.29
C ASN B 339 -10.31 -5.01 -13.65
N GLU B 340 -9.11 -5.31 -14.15
CA GLU B 340 -9.00 -6.03 -15.43
C GLU B 340 -9.22 -7.54 -15.25
N GLY B 341 -9.40 -7.99 -14.01
CA GLY B 341 -9.76 -9.37 -13.76
C GLY B 341 -8.76 -10.19 -12.97
N VAL B 342 -9.21 -11.36 -12.52
CA VAL B 342 -8.33 -12.30 -11.83
C VAL B 342 -8.23 -13.55 -12.68
N TRP B 343 -7.01 -13.87 -13.12
CA TRP B 343 -6.77 -15.11 -13.84
C TRP B 343 -6.43 -16.26 -12.89
N VAL B 344 -7.06 -17.42 -13.08
CA VAL B 344 -6.72 -18.61 -12.31
C VAL B 344 -6.56 -19.83 -13.21
N ALA B 345 -5.75 -20.80 -12.77
CA ALA B 345 -5.48 -21.99 -13.57
C ALA B 345 -6.54 -23.09 -13.43
N GLN B 346 -7.56 -22.84 -12.60
CA GLN B 346 -8.60 -23.83 -12.31
C GLN B 346 -9.15 -24.67 -13.49
N PRO B 347 -9.45 -24.01 -14.63
CA PRO B 347 -10.02 -24.82 -15.73
C PRO B 347 -9.03 -25.83 -16.28
N TYR B 348 -7.75 -25.68 -15.99
CA TYR B 348 -6.74 -26.63 -16.47
C TYR B 348 -6.34 -27.66 -15.41
N ILE B 349 -6.94 -27.59 -14.23
CA ILE B 349 -6.56 -28.46 -13.11
C ILE B 349 -7.65 -29.50 -12.79
N ALA B 350 -7.28 -30.78 -12.82
CA ALA B 350 -8.23 -31.87 -12.62
C ALA B 350 -8.77 -32.00 -11.19
N GLN B 351 -7.89 -31.95 -10.20
CA GLN B 351 -8.28 -32.17 -8.80
C GLN B 351 -8.11 -30.92 -7.93
N PRO B 352 -9.22 -30.31 -7.48
CA PRO B 352 -9.15 -29.16 -6.57
C PRO B 352 -8.69 -29.60 -5.18
N TYR B 353 -8.12 -28.69 -4.41
CA TYR B 353 -7.70 -29.02 -3.05
C TYR B 353 -8.90 -29.06 -2.11
N ASP B 354 -9.91 -28.26 -2.41
CA ASP B 354 -11.09 -28.12 -1.57
C ASP B 354 -12.34 -28.28 -2.44
N GLU B 355 -12.94 -29.46 -2.41
CA GLU B 355 -14.11 -29.73 -3.24
C GLU B 355 -15.37 -28.96 -2.81
N GLU B 356 -15.39 -28.47 -1.58
CA GLU B 356 -16.57 -27.74 -1.07
C GLU B 356 -16.54 -26.23 -1.28
N ASN B 357 -15.37 -25.62 -1.11
CA ASN B 357 -15.29 -24.16 -1.22
C ASN B 357 -14.21 -23.65 -2.17
N GLY B 358 -13.58 -24.57 -2.92
CA GLY B 358 -12.50 -24.20 -3.82
C GLY B 358 -12.94 -23.24 -4.91
N ILE B 359 -11.96 -22.49 -5.43
CA ILE B 359 -12.18 -21.44 -6.43
C ILE B 359 -12.61 -22.04 -7.78
N ARG B 360 -13.70 -21.53 -8.34
CA ARG B 360 -14.20 -22.01 -9.62
C ARG B 360 -14.60 -20.82 -10.48
N ILE B 361 -14.32 -20.89 -11.78
CA ILE B 361 -14.83 -19.90 -12.71
C ILE B 361 -16.26 -20.29 -13.08
N ALA B 362 -17.16 -19.31 -13.04
CA ALA B 362 -18.53 -19.54 -13.46
C ALA B 362 -19.01 -18.32 -14.23
N GLY B 363 -19.38 -18.52 -15.49
CA GLY B 363 -19.79 -17.40 -16.33
C GLY B 363 -18.72 -16.32 -16.46
N GLY B 364 -17.46 -16.72 -16.61
CA GLY B 364 -16.38 -15.76 -16.81
C GLY B 364 -16.05 -14.92 -15.59
N HIS B 365 -16.60 -15.32 -14.44
CA HIS B 365 -16.37 -14.60 -13.19
C HIS B 365 -16.02 -15.56 -12.04
N ILE B 366 -15.54 -15.03 -10.93
CA ILE B 366 -15.23 -15.85 -9.77
C ILE B 366 -15.92 -15.34 -8.51
N ASP B 367 -16.69 -16.20 -7.84
CA ASP B 367 -17.37 -15.84 -6.60
C ASP B 367 -16.34 -15.92 -5.47
N LEU B 368 -16.22 -14.87 -4.65
CA LEU B 368 -15.29 -14.93 -3.51
C LEU B 368 -15.75 -15.95 -2.45
N PRO B 369 -14.83 -16.79 -1.93
CA PRO B 369 -15.25 -17.73 -0.88
C PRO B 369 -15.83 -16.97 0.34
N LYS B 370 -16.74 -17.58 1.06
CA LYS B 370 -17.47 -16.87 2.11
C LYS B 370 -16.90 -17.03 3.52
N GLY B 371 -16.00 -18.00 3.73
CA GLY B 371 -15.49 -18.33 5.06
C GLY B 371 -14.31 -17.48 5.52
N PRO B 372 -13.88 -17.64 6.77
CA PRO B 372 -12.80 -16.80 7.32
C PRO B 372 -11.46 -17.16 6.69
N GLY B 373 -10.48 -16.25 6.74
CA GLY B 373 -9.18 -16.49 6.11
C GLY B 373 -9.33 -16.50 4.60
N LEU B 374 -8.63 -17.40 3.91
CA LEU B 374 -8.78 -17.51 2.47
C LEU B 374 -10.12 -18.15 2.12
N GLY B 375 -10.74 -18.80 3.09
CA GLY B 375 -12.01 -19.49 2.88
C GLY B 375 -11.83 -20.88 2.29
N ILE B 376 -10.58 -21.34 2.27
CA ILE B 376 -10.21 -22.62 1.67
C ILE B 376 -9.68 -23.59 2.73
N THR B 377 -10.17 -24.82 2.70
CA THR B 377 -9.68 -25.89 3.57
C THR B 377 -9.11 -27.01 2.69
N PRO B 378 -7.78 -27.03 2.52
CA PRO B 378 -7.12 -27.99 1.63
C PRO B 378 -7.22 -29.41 2.17
N ASP B 379 -7.51 -30.37 1.29
CA ASP B 379 -7.45 -31.77 1.67
C ASP B 379 -5.98 -32.14 1.77
N GLU B 380 -5.42 -31.96 2.97
CA GLU B 380 -3.99 -32.09 3.25
C GLU B 380 -3.38 -33.39 2.72
N SER B 381 -4.20 -34.45 2.71
CA SER B 381 -3.76 -35.76 2.26
C SER B 381 -3.24 -35.73 0.82
N LEU B 382 -3.93 -34.99 -0.04
CA LEU B 382 -3.57 -34.90 -1.47
C LEU B 382 -2.09 -34.59 -1.74
N PHE B 383 -1.46 -33.87 -0.82
CA PHE B 383 -0.14 -33.28 -1.08
C PHE B 383 0.98 -34.25 -0.81
N GLY B 384 0.68 -35.29 -0.04
CA GLY B 384 1.69 -36.23 0.40
C GLY B 384 2.33 -35.69 1.66
N PRO B 385 3.27 -36.45 2.23
CA PRO B 385 4.01 -35.94 3.40
C PRO B 385 4.89 -34.77 2.98
N PRO B 386 5.22 -33.88 3.92
CA PRO B 386 6.08 -32.73 3.60
C PRO B 386 7.47 -33.18 3.16
N VAL B 387 8.08 -32.45 2.23
CA VAL B 387 9.44 -32.76 1.81
C VAL B 387 10.43 -32.15 2.79
N ALA B 388 9.91 -31.25 3.64
CA ALA B 388 10.72 -30.58 4.65
C ALA B 388 9.83 -30.05 5.75
N SER B 389 10.21 -30.27 7.01
CA SER B 389 9.46 -29.74 8.14
C SER B 389 10.41 -29.00 9.08
N PHE B 390 9.91 -27.95 9.72
CA PHE B 390 10.75 -27.13 10.59
C PHE B 390 10.05 -26.79 11.90
N SER B 391 10.76 -26.93 13.02
CA SER B 391 10.24 -26.54 14.33
C SER B 391 11.36 -26.10 15.28
MG MG C . 20.23 11.94 21.84
MG MG D . 7.02 20.98 8.13
MG MG E . 1.21 -11.41 -19.32
CAA UNL F . -0.53 -17.26 -16.61
CAB UNL F . 0.71 -16.55 -17.10
CAD UNL F . 0.22 -15.34 -17.87
CAE UNL F . -1.26 -15.32 -17.70
CAC UNL F . -1.65 -16.72 -17.56
#